data_8HIO
#
_entry.id   8HIO
#
_cell.length_a   1.00
_cell.length_b   1.00
_cell.length_c   1.00
_cell.angle_alpha   90.00
_cell.angle_beta   90.00
_cell.angle_gamma   90.00
#
_symmetry.space_group_name_H-M   'P 1'
#
loop_
_entity.id
_entity.type
_entity.pdbx_description
1 polymer 'RNA (56-MER)'
2 polymer Cas12m2
3 non-polymer 'MAGNESIUM ION'
4 non-polymer 'ZINC ION'
#
loop_
_entity_poly.entity_id
_entity_poly.type
_entity_poly.pdbx_seq_one_letter_code
_entity_poly.pdbx_strand_id
1 'polyribonucleotide' GUGUCAUAGCCCAGCUUGGCGGGCGAAGGCCAAGACGGAGAUGAGGUGCGCGUGGC B
2 'polypeptide(L)'
;MTTMTVHTMGVHYKWQIPEVLRQQLWLAHNLREDLVSLQLAYDDDLKAIWSSYPDVAQAEDTMAAAEADAVALSERVKQA
RIEARSKKISTELTQQLRDAKKRLKDARQARRDAIAVVKDDAAERRKARSDQLAADQKALYGQYCRDGDLYWASFNTVLD
HHKTAVKRIAAQRASGKPATLRHHRFDGSGTIAVQLQRQAGAPPRTPMVLADEAGKYRNVLHIPGWTDPDVWEQMTRSQC
RQSGRVTVRMRCGSTDGQPQWIDLPVQVHRWLPADADITGAELVVTRVAGIYRAKLCVTARIGDTEPVTSGPTVALHLGW
RSTEEGTAVATWRSDAPLDIPFGLRTVMRVDAAGTSGIIVVPATIERRLTRTENIASSRSLALDALRDKVVGWLSDNDAP
TYRDAPLEAATVKQWKSPQRFASLAHAWKDNGTEISDILWAWFSLDRKQWAQQENGRRKALGHRDDLYRQIAAVISDQAG
HVLVDDTSVAELSARAMERTELPTEVQQKIDRRRDHAAPGGLRASVVAAMTRDGVPVTIVAAADFTRTHSRCGHVNPADD
RYLSNPVRCDGCGAMYDQDRSFVTLMLRAATAPSNP
;
A,D
#
loop_
_chem_comp.id
_chem_comp.type
_chem_comp.name
_chem_comp.formula
A RNA linking ADENOSINE-5'-MONOPHOSPHATE 'C10 H14 N5 O7 P'
C RNA linking CYTIDINE-5'-MONOPHOSPHATE 'C9 H14 N3 O8 P'
G RNA linking GUANOSINE-5'-MONOPHOSPHATE 'C10 H14 N5 O8 P'
MG non-polymer 'MAGNESIUM ION' 'Mg 2'
U RNA linking URIDINE-5'-MONOPHOSPHATE 'C9 H13 N2 O9 P'
ZN non-polymer 'ZINC ION' 'Zn 2'
#
# COMPACT_ATOMS: atom_id res chain seq x y z
N MET B 1 -30.26 -17.28 1.73
CA MET B 1 -29.11 -18.15 1.49
C MET B 1 -28.30 -17.65 0.31
N THR B 2 -28.73 -16.53 -0.26
CA THR B 2 -28.05 -16.00 -1.44
C THR B 2 -26.76 -15.29 -1.07
N THR B 3 -26.70 -14.68 0.12
CA THR B 3 -25.60 -13.79 0.45
C THR B 3 -24.27 -14.54 0.45
N MET B 4 -23.24 -13.85 -0.01
CA MET B 4 -21.86 -14.32 0.03
C MET B 4 -21.10 -13.54 1.08
N THR B 5 -20.22 -14.23 1.79
CA THR B 5 -19.36 -13.60 2.80
C THR B 5 -17.92 -13.97 2.51
N VAL B 6 -17.02 -13.09 2.97
CA VAL B 6 -15.59 -13.27 2.77
C VAL B 6 -14.89 -13.00 4.09
N HIS B 7 -14.10 -13.98 4.54
CA HIS B 7 -13.38 -13.91 5.79
C HIS B 7 -11.89 -13.84 5.49
N THR B 8 -11.20 -12.94 6.19
CA THR B 8 -9.79 -12.67 5.98
C THR B 8 -8.98 -13.39 7.05
N MET B 9 -7.81 -13.88 6.66
CA MET B 9 -6.89 -14.49 7.59
C MET B 9 -5.50 -14.03 7.25
N GLY B 10 -4.80 -13.51 8.25
CA GLY B 10 -3.48 -12.95 8.06
C GLY B 10 -2.42 -14.03 8.05
N VAL B 11 -1.28 -13.75 7.40
CA VAL B 11 -0.21 -14.72 7.35
C VAL B 11 0.97 -14.22 8.18
N HIS B 12 1.74 -15.17 8.72
CA HIS B 12 2.85 -14.83 9.59
C HIS B 12 3.90 -14.06 8.82
N TYR B 13 4.38 -12.97 9.41
CA TYR B 13 5.38 -12.15 8.75
C TYR B 13 6.73 -12.86 8.63
N LYS B 14 7.10 -13.68 9.61
CA LYS B 14 8.32 -14.48 9.48
C LYS B 14 8.04 -15.75 8.70
N TRP B 15 7.42 -15.57 7.55
CA TRP B 15 7.19 -16.61 6.56
C TRP B 15 7.74 -16.14 5.23
N GLN B 16 8.58 -16.96 4.61
CA GLN B 16 9.15 -16.59 3.31
C GLN B 16 8.15 -16.85 2.21
N ILE B 17 8.62 -16.83 0.96
CA ILE B 17 7.76 -17.14 -0.18
C ILE B 17 8.43 -18.24 -0.99
N PRO B 18 7.82 -19.39 -1.16
CA PRO B 18 8.46 -20.49 -1.86
C PRO B 18 8.70 -20.14 -3.33
N GLU B 19 9.48 -20.98 -3.99
CA GLU B 19 9.73 -20.79 -5.42
C GLU B 19 8.48 -21.02 -6.26
N VAL B 20 7.64 -21.98 -5.87
CA VAL B 20 6.43 -22.26 -6.64
C VAL B 20 5.49 -21.07 -6.62
N LEU B 21 5.35 -20.42 -5.46
CA LEU B 21 4.45 -19.27 -5.38
C LEU B 21 4.96 -18.11 -6.22
N ARG B 22 6.27 -17.88 -6.23
CA ARG B 22 6.83 -16.86 -7.12
C ARG B 22 6.56 -17.20 -8.57
N GLN B 23 6.72 -18.46 -8.95
CA GLN B 23 6.44 -18.85 -10.33
C GLN B 23 4.98 -18.58 -10.68
N GLN B 24 4.07 -18.87 -9.74
CA GLN B 24 2.66 -18.62 -10.00
C GLN B 24 2.36 -17.14 -10.17
N LEU B 25 2.91 -16.29 -9.29
CA LEU B 25 2.67 -14.87 -9.47
C LEU B 25 3.28 -14.36 -10.76
N TRP B 26 4.45 -14.87 -11.14
CA TRP B 26 5.05 -14.44 -12.40
C TRP B 26 4.15 -14.79 -13.57
N LEU B 27 3.65 -16.01 -13.61
CA LEU B 27 2.76 -16.38 -14.71
C LEU B 27 1.48 -15.55 -14.68
N ALA B 28 0.95 -15.27 -13.49
CA ALA B 28 -0.27 -14.47 -13.40
C ALA B 28 -0.04 -13.07 -13.94
N HIS B 29 1.12 -12.48 -13.61
CA HIS B 29 1.47 -11.19 -14.19
C HIS B 29 1.51 -11.24 -15.70
N ASN B 30 2.19 -12.25 -16.26
CA ASN B 30 2.29 -12.28 -17.71
C ASN B 30 0.92 -12.42 -18.35
N LEU B 31 0.04 -13.22 -17.75
CA LEU B 31 -1.30 -13.36 -18.30
C LEU B 31 -2.05 -12.03 -18.25
N ARG B 32 -1.99 -11.33 -17.11
CA ARG B 32 -2.70 -10.06 -17.03
C ARG B 32 -2.18 -9.06 -18.05
N GLU B 33 -0.86 -9.05 -18.28
CA GLU B 33 -0.31 -8.07 -19.20
C GLU B 33 -0.68 -8.39 -20.65
N ASP B 34 -0.62 -9.67 -21.02
CA ASP B 34 -1.07 -10.00 -22.37
C ASP B 34 -2.55 -9.69 -22.55
N LEU B 35 -3.34 -9.89 -21.50
CA LEU B 35 -4.76 -9.56 -21.61
C LEU B 35 -4.98 -8.06 -21.79
N VAL B 36 -4.23 -7.24 -21.08
CA VAL B 36 -4.36 -5.79 -21.25
C VAL B 36 -3.95 -5.40 -22.67
N SER B 37 -2.86 -5.97 -23.17
CA SER B 37 -2.45 -5.67 -24.54
C SER B 37 -3.54 -6.04 -25.53
N LEU B 38 -4.13 -7.22 -25.37
CA LEU B 38 -5.21 -7.63 -26.26
C LEU B 38 -6.41 -6.72 -26.15
N GLN B 39 -6.70 -6.24 -24.95
CA GLN B 39 -7.80 -5.32 -24.75
C GLN B 39 -7.56 -4.04 -25.55
N LEU B 40 -6.36 -3.50 -25.47
CA LEU B 40 -6.07 -2.29 -26.24
C LEU B 40 -6.13 -2.57 -27.74
N ALA B 41 -5.68 -3.74 -28.16
CA ALA B 41 -5.77 -4.10 -29.57
C ALA B 41 -7.21 -4.11 -30.03
N TYR B 42 -8.08 -4.72 -29.23
CA TYR B 42 -9.50 -4.83 -29.55
C TYR B 42 -10.13 -3.44 -29.62
N ASP B 43 -9.77 -2.57 -28.68
CA ASP B 43 -10.28 -1.21 -28.70
C ASP B 43 -9.82 -0.46 -29.93
N ASP B 44 -8.56 -0.65 -30.32
CA ASP B 44 -8.06 0.01 -31.52
C ASP B 44 -8.79 -0.48 -32.77
N ASP B 45 -9.03 -1.78 -32.85
CA ASP B 45 -9.79 -2.32 -33.97
C ASP B 45 -11.19 -1.73 -34.01
N LEU B 46 -11.83 -1.60 -32.85
CA LEU B 46 -13.18 -1.04 -32.80
C LEU B 46 -13.18 0.41 -33.23
N LYS B 47 -12.20 1.19 -32.77
CA LYS B 47 -12.13 2.59 -33.20
C LYS B 47 -11.89 2.69 -34.70
N ALA B 48 -11.04 1.82 -35.25
CA ALA B 48 -10.80 1.85 -36.68
C ALA B 48 -12.07 1.51 -37.45
N ILE B 49 -12.81 0.50 -37.01
CA ILE B 49 -14.05 0.12 -37.68
C ILE B 49 -15.05 1.26 -37.61
N TRP B 50 -15.15 1.92 -36.46
CA TRP B 50 -16.01 3.10 -36.36
C TRP B 50 -15.58 4.14 -37.38
N SER B 51 -14.28 4.40 -37.45
CA SER B 51 -13.74 5.41 -38.35
C SER B 51 -13.95 5.07 -39.81
N SER B 52 -14.21 3.81 -40.14
CA SER B 52 -14.30 3.40 -41.54
C SER B 52 -15.45 4.09 -42.24
N TYR B 53 -16.45 4.54 -41.51
CA TYR B 53 -17.61 5.15 -42.14
C TYR B 53 -17.31 6.58 -42.57
N PRO B 54 -17.62 6.95 -43.82
CA PRO B 54 -17.24 8.28 -44.31
C PRO B 54 -17.84 9.42 -43.50
N ASP B 55 -19.07 9.27 -43.00
CA ASP B 55 -19.60 10.28 -42.10
C ASP B 55 -18.80 10.32 -40.80
N VAL B 56 -18.44 9.16 -40.27
CA VAL B 56 -17.58 9.12 -39.10
C VAL B 56 -16.22 9.68 -39.43
N ALA B 57 -15.73 9.43 -40.64
CA ALA B 57 -14.46 10.00 -41.04
C ALA B 57 -14.51 11.53 -41.04
N GLN B 58 -15.58 12.09 -41.60
CA GLN B 58 -15.75 13.54 -41.60
C GLN B 58 -15.84 14.09 -40.19
N ALA B 59 -16.63 13.42 -39.33
CA ALA B 59 -16.76 13.87 -37.95
C ALA B 59 -15.42 13.82 -37.23
N GLU B 60 -14.64 12.77 -37.47
CA GLU B 60 -13.34 12.66 -36.82
C GLU B 60 -12.37 13.72 -37.33
N ASP B 61 -12.42 14.02 -38.63
CA ASP B 61 -11.58 15.09 -39.16
C ASP B 61 -11.95 16.43 -38.55
N THR B 62 -13.26 16.70 -38.43
CA THR B 62 -13.71 17.93 -37.80
C THR B 62 -13.27 17.99 -36.34
N MET B 63 -13.36 16.85 -35.64
CA MET B 63 -12.93 16.79 -34.25
C MET B 63 -11.44 17.06 -34.14
N ALA B 64 -10.63 16.49 -35.04
CA ALA B 64 -9.20 16.72 -35.01
C ALA B 64 -8.87 18.19 -35.28
N ALA B 65 -9.56 18.80 -36.24
CA ALA B 65 -9.34 20.21 -36.51
C ALA B 65 -9.72 21.07 -35.30
N ALA B 66 -10.85 20.75 -34.66
CA ALA B 66 -11.26 21.51 -33.48
C ALA B 66 -10.27 21.33 -32.35
N GLU B 67 -9.73 20.12 -32.17
CA GLU B 67 -8.73 19.88 -31.15
C GLU B 67 -7.46 20.66 -31.42
N ALA B 68 -7.03 20.71 -32.69
CA ALA B 68 -5.85 21.49 -33.03
C ALA B 68 -6.06 22.96 -32.75
N ASP B 69 -7.23 23.49 -33.11
CA ASP B 69 -7.53 24.89 -32.81
C ASP B 69 -7.54 25.14 -31.31
N ALA B 70 -8.13 24.22 -30.56
CA ALA B 70 -8.21 24.37 -29.10
C ALA B 70 -6.83 24.36 -28.47
N VAL B 71 -5.95 23.46 -28.93
CA VAL B 71 -4.61 23.40 -28.34
C VAL B 71 -3.80 24.62 -28.77
N ALA B 72 -4.03 25.12 -29.98
CA ALA B 72 -3.36 26.35 -30.40
C ALA B 72 -3.78 27.53 -29.53
N LEU B 73 -5.08 27.64 -29.25
CA LEU B 73 -5.55 28.73 -28.41
C LEU B 73 -5.08 28.56 -26.97
N SER B 74 -4.96 27.31 -26.52
CA SER B 74 -4.38 27.06 -25.19
C SER B 74 -2.92 27.50 -25.14
N GLU B 75 -2.18 27.25 -26.21
CA GLU B 75 -0.80 27.72 -26.29
C GLU B 75 -0.73 29.24 -26.26
N ARG B 76 -1.67 29.90 -26.97
CA ARG B 76 -1.71 31.36 -26.94
C ARG B 76 -2.02 31.88 -25.55
N VAL B 77 -2.95 31.22 -24.84
CA VAL B 77 -3.29 31.63 -23.48
C VAL B 77 -2.09 31.42 -22.56
N LYS B 78 -1.37 30.31 -22.72
CA LYS B 78 -0.18 30.07 -21.94
C LYS B 78 0.88 31.13 -22.20
N GLN B 79 1.06 31.51 -23.47
CA GLN B 79 2.03 32.55 -23.80
C GLN B 79 1.64 33.89 -23.18
N ALA B 80 0.35 34.23 -23.23
CA ALA B 80 -0.11 35.46 -22.59
C ALA B 80 0.13 35.41 -21.09
N ARG B 81 -0.11 34.26 -20.46
CA ARG B 81 0.15 34.12 -19.04
C ARG B 81 1.63 34.28 -18.73
N ILE B 82 2.50 33.72 -19.57
CA ILE B 82 3.94 33.83 -19.35
C ILE B 82 4.38 35.28 -19.48
N GLU B 83 3.90 35.96 -20.52
CA GLU B 83 4.26 37.36 -20.72
C GLU B 83 3.77 38.23 -19.56
N ALA B 84 2.55 37.96 -19.09
CA ALA B 84 2.06 38.58 -17.87
C ALA B 84 2.66 37.97 -16.62
N ARG B 85 3.38 36.85 -16.75
CA ARG B 85 4.02 36.18 -15.62
C ARG B 85 3.00 35.79 -14.56
N SER B 86 1.83 35.37 -14.98
CA SER B 86 0.75 34.99 -14.07
C SER B 86 -0.21 34.02 -14.74
N THR B 91 -8.71 38.69 -20.90
CA THR B 91 -9.99 38.00 -20.81
C THR B 91 -10.47 37.56 -22.18
N GLU B 92 -10.16 38.37 -23.20
CA GLU B 92 -10.61 38.06 -24.56
C GLU B 92 -9.95 36.77 -25.08
N LEU B 93 -8.67 36.57 -24.79
CA LEU B 93 -8.00 35.34 -25.20
C LEU B 93 -8.64 34.13 -24.52
N THR B 94 -8.97 34.26 -23.24
CA THR B 94 -9.68 33.18 -22.56
C THR B 94 -11.06 32.94 -23.19
N GLN B 95 -11.71 34.01 -23.64
CA GLN B 95 -13.00 33.85 -24.32
C GLN B 95 -12.83 33.11 -25.65
N GLN B 96 -11.76 33.42 -26.39
CA GLN B 96 -11.49 32.70 -27.63
C GLN B 96 -11.22 31.22 -27.35
N LEU B 97 -10.46 30.95 -26.28
CA LEU B 97 -10.21 29.56 -25.90
C LEU B 97 -11.49 28.86 -25.50
N ARG B 98 -12.39 29.57 -24.82
CA ARG B 98 -13.69 29.00 -24.46
C ARG B 98 -14.51 28.70 -25.70
N ASP B 99 -14.45 29.58 -26.70
CA ASP B 99 -15.15 29.33 -27.95
C ASP B 99 -14.59 28.10 -28.65
N ALA B 100 -13.26 27.95 -28.65
CA ALA B 100 -12.64 26.77 -29.23
C ALA B 100 -13.06 25.51 -28.49
N LYS B 101 -13.13 25.58 -27.16
CA LYS B 101 -13.58 24.43 -26.38
C LYS B 101 -15.02 24.07 -26.71
N LYS B 102 -15.88 25.08 -26.87
CA LYS B 102 -17.26 24.84 -27.25
C LYS B 102 -17.34 24.18 -28.63
N ARG B 103 -16.53 24.66 -29.57
CA ARG B 103 -16.52 24.06 -30.91
C ARG B 103 -16.05 22.62 -30.86
N LEU B 104 -15.02 22.36 -30.05
CA LEU B 104 -14.53 20.99 -29.90
C LEU B 104 -15.59 20.09 -29.29
N LYS B 105 -16.30 20.58 -28.28
CA LYS B 105 -17.36 19.78 -27.68
C LYS B 105 -18.48 19.52 -28.67
N ASP B 106 -18.82 20.52 -29.49
CA ASP B 106 -19.85 20.34 -30.50
C ASP B 106 -19.42 19.31 -31.54
N ALA B 107 -18.15 19.35 -31.94
CA ALA B 107 -17.64 18.36 -32.88
C ALA B 107 -17.66 16.98 -32.25
N ARG B 108 -17.34 16.88 -30.96
CA ARG B 108 -17.41 15.59 -30.28
C ARG B 108 -18.83 15.06 -30.24
N GLN B 109 -19.80 15.93 -29.97
CA GLN B 109 -21.20 15.52 -29.99
C GLN B 109 -21.60 15.06 -31.38
N ALA B 110 -21.17 15.77 -32.41
CA ALA B 110 -21.47 15.38 -33.77
C ALA B 110 -20.87 14.01 -34.08
N ARG B 111 -19.64 13.76 -33.63
CA ARG B 111 -19.01 12.46 -33.85
C ARG B 111 -19.75 11.36 -33.12
N ARG B 112 -20.18 11.62 -31.89
CA ARG B 112 -20.96 10.64 -31.15
C ARG B 112 -22.26 10.33 -31.87
N ASP B 113 -22.93 11.37 -32.38
CA ASP B 113 -24.17 11.17 -33.13
C ASP B 113 -23.93 10.36 -34.39
N ALA B 114 -22.84 10.67 -35.10
CA ALA B 114 -22.51 9.93 -36.31
C ALA B 114 -22.27 8.46 -36.01
N ILE B 115 -21.57 8.18 -34.91
CA ILE B 115 -21.40 6.80 -34.50
C ILE B 115 -22.74 6.16 -34.18
N ALA B 116 -23.60 6.90 -33.46
CA ALA B 116 -24.88 6.34 -33.04
C ALA B 116 -25.76 5.98 -34.21
N VAL B 117 -25.82 6.85 -35.22
CA VAL B 117 -26.74 6.62 -36.33
C VAL B 117 -26.28 5.42 -37.16
N VAL B 118 -24.97 5.27 -37.37
CA VAL B 118 -24.44 4.17 -38.16
C VAL B 118 -24.12 2.95 -37.31
N LYS B 119 -24.44 2.96 -36.03
CA LYS B 119 -24.06 1.89 -35.11
C LYS B 119 -24.63 0.54 -35.54
N ASP B 120 -25.85 0.56 -36.09
CA ASP B 120 -26.50 -0.69 -36.49
C ASP B 120 -25.87 -1.31 -37.73
N ASP B 121 -24.96 -0.62 -38.41
CA ASP B 121 -24.37 -1.15 -39.63
C ASP B 121 -23.12 -1.98 -39.39
N ALA B 122 -22.26 -1.59 -38.44
CA ALA B 122 -21.03 -2.30 -38.16
C ALA B 122 -21.18 -3.29 -37.02
N ALA B 123 -22.41 -3.67 -36.68
CA ALA B 123 -22.62 -4.61 -35.58
C ALA B 123 -21.96 -5.94 -35.89
N GLU B 124 -22.07 -6.41 -37.13
CA GLU B 124 -21.45 -7.67 -37.51
C GLU B 124 -19.93 -7.58 -37.40
N ARG B 125 -19.35 -6.47 -37.83
CA ARG B 125 -17.91 -6.27 -37.70
C ARG B 125 -17.49 -6.30 -36.24
N ARG B 126 -18.22 -5.59 -35.39
CA ARG B 126 -17.89 -5.54 -33.98
C ARG B 126 -18.02 -6.90 -33.33
N LYS B 127 -19.07 -7.65 -33.67
CA LYS B 127 -19.24 -9.00 -33.14
C LYS B 127 -18.13 -9.91 -33.62
N ALA B 128 -17.72 -9.79 -34.88
CA ALA B 128 -16.62 -10.61 -35.38
C ALA B 128 -15.34 -10.31 -34.62
N ARG B 129 -15.05 -9.03 -34.39
CA ARG B 129 -13.85 -8.68 -33.63
C ARG B 129 -13.92 -9.19 -32.21
N SER B 130 -15.09 -9.08 -31.57
CA SER B 130 -15.26 -9.58 -30.22
C SER B 130 -15.08 -11.09 -30.18
N ASP B 131 -15.58 -11.79 -31.19
CA ASP B 131 -15.42 -13.24 -31.25
C ASP B 131 -13.96 -13.60 -31.41
N GLN B 132 -13.23 -12.84 -32.23
CA GLN B 132 -11.79 -13.08 -32.35
C GLN B 132 -11.10 -12.83 -31.03
N LEU B 133 -11.55 -11.81 -30.28
CA LEU B 133 -11.01 -11.57 -28.95
C LEU B 133 -11.24 -12.76 -28.03
N ALA B 134 -12.44 -13.31 -28.05
CA ALA B 134 -12.74 -14.46 -27.20
C ALA B 134 -11.88 -15.65 -27.60
N ALA B 135 -11.71 -15.85 -28.92
CA ALA B 135 -10.86 -16.95 -29.38
C ALA B 135 -9.42 -16.75 -28.94
N ASP B 136 -8.94 -15.51 -28.97
CA ASP B 136 -7.59 -15.22 -28.51
C ASP B 136 -7.45 -15.52 -27.02
N GLN B 137 -8.47 -15.16 -26.24
CA GLN B 137 -8.43 -15.47 -24.81
C GLN B 137 -8.42 -16.97 -24.59
N LYS B 138 -9.21 -17.71 -25.36
CA LYS B 138 -9.22 -19.16 -25.23
C LYS B 138 -7.87 -19.75 -25.59
N ALA B 139 -7.22 -19.21 -26.61
CA ALA B 139 -5.86 -19.64 -26.94
C ALA B 139 -4.90 -19.33 -25.79
N LEU B 140 -5.08 -18.18 -25.16
CA LEU B 140 -4.27 -17.85 -23.99
C LEU B 140 -4.45 -18.89 -22.90
N TYR B 141 -5.70 -19.29 -22.65
CA TYR B 141 -5.95 -20.31 -21.65
C TYR B 141 -5.29 -21.63 -22.04
N GLY B 142 -5.39 -22.01 -23.32
CA GLY B 142 -4.76 -23.23 -23.75
C GLY B 142 -3.26 -23.21 -23.56
N GLN B 143 -2.65 -22.06 -23.80
CA GLN B 143 -1.21 -21.91 -23.57
C GLN B 143 -0.85 -21.95 -22.10
N TYR B 144 -1.55 -21.16 -21.28
CA TYR B 144 -1.20 -20.99 -19.88
C TYR B 144 -1.52 -22.19 -19.03
N CYS B 145 -2.56 -22.96 -19.37
CA CYS B 145 -3.00 -24.07 -18.54
C CYS B 145 -2.80 -25.42 -19.20
N ARG B 146 -3.41 -25.63 -20.38
CA ARG B 146 -3.28 -26.92 -21.04
C ARG B 146 -1.83 -27.19 -21.41
N ASP B 147 -1.07 -26.14 -21.68
CA ASP B 147 0.34 -26.26 -22.04
C ASP B 147 1.26 -25.51 -21.08
N GLY B 148 0.68 -24.75 -20.15
CA GLY B 148 1.46 -23.98 -19.20
C GLY B 148 1.28 -24.48 -17.78
N ASP B 149 1.91 -23.75 -16.86
CA ASP B 149 1.99 -24.14 -15.47
C ASP B 149 0.97 -23.44 -14.58
N LEU B 150 0.12 -22.60 -15.15
CA LEU B 150 -0.86 -21.88 -14.38
C LEU B 150 -1.96 -22.82 -13.95
N TYR B 151 -2.44 -22.65 -12.71
CA TYR B 151 -3.61 -23.39 -12.26
C TYR B 151 -4.89 -22.72 -12.75
N TRP B 152 -5.83 -23.53 -13.23
CA TRP B 152 -6.97 -22.97 -13.95
C TRP B 152 -7.80 -22.05 -13.08
N ALA B 153 -7.78 -22.23 -11.77
CA ALA B 153 -8.51 -21.32 -10.92
C ALA B 153 -7.92 -19.92 -10.99
N SER B 154 -6.59 -19.80 -10.92
CA SER B 154 -5.95 -18.50 -10.96
C SER B 154 -6.25 -17.79 -12.27
N PHE B 155 -6.25 -18.54 -13.37
CA PHE B 155 -6.59 -17.96 -14.66
C PHE B 155 -7.99 -17.37 -14.64
N ASN B 156 -8.94 -18.11 -14.06
CA ASN B 156 -10.30 -17.61 -13.96
C ASN B 156 -10.35 -16.35 -13.12
N THR B 157 -9.61 -16.31 -12.01
CA THR B 157 -9.62 -15.11 -11.17
C THR B 157 -9.07 -13.91 -11.91
N VAL B 158 -7.97 -14.10 -12.65
CA VAL B 158 -7.36 -13.00 -13.39
C VAL B 158 -8.30 -12.52 -14.49
N LEU B 159 -8.92 -13.45 -15.20
CA LEU B 159 -9.88 -13.06 -16.24
C LEU B 159 -11.04 -12.26 -15.66
N ASP B 160 -11.55 -12.69 -14.50
CA ASP B 160 -12.65 -11.95 -13.90
C ASP B 160 -12.21 -10.55 -13.48
N HIS B 161 -11.01 -10.43 -12.91
CA HIS B 161 -10.50 -9.11 -12.57
C HIS B 161 -10.37 -8.24 -13.83
N HIS B 162 -9.90 -8.84 -14.92
CA HIS B 162 -9.68 -8.10 -16.15
C HIS B 162 -11.00 -7.60 -16.73
N LYS B 163 -12.02 -8.47 -16.73
CA LYS B 163 -13.32 -8.06 -17.27
C LYS B 163 -14.04 -7.09 -16.36
N THR B 164 -13.77 -7.14 -15.06
CA THR B 164 -14.28 -6.08 -14.20
C THR B 164 -13.60 -4.76 -14.54
N ALA B 165 -12.28 -4.80 -14.75
CA ALA B 165 -11.53 -3.59 -15.03
C ALA B 165 -11.99 -2.94 -16.32
N VAL B 166 -12.26 -3.74 -17.35
CA VAL B 166 -12.63 -3.16 -18.64
C VAL B 166 -13.97 -2.46 -18.54
N LYS B 167 -14.90 -3.03 -17.78
CA LYS B 167 -16.17 -2.36 -17.56
C LYS B 167 -15.98 -1.08 -16.77
N ARG B 168 -15.09 -1.09 -15.78
CA ARG B 168 -14.79 0.12 -15.04
C ARG B 168 -14.29 1.22 -15.97
N ILE B 169 -13.36 0.87 -16.86
CA ILE B 169 -12.74 1.86 -17.74
C ILE B 169 -13.77 2.37 -18.74
N ALA B 170 -14.59 1.47 -19.29
CA ALA B 170 -15.62 1.90 -20.23
C ALA B 170 -16.61 2.84 -19.55
N ALA B 171 -16.98 2.54 -18.31
CA ALA B 171 -17.87 3.42 -17.57
C ALA B 171 -17.23 4.79 -17.37
N GLN B 172 -15.94 4.82 -17.01
CA GLN B 172 -15.26 6.09 -16.82
C GLN B 172 -15.21 6.90 -18.11
N ARG B 173 -14.92 6.24 -19.23
CA ARG B 173 -14.89 6.95 -20.51
C ARG B 173 -16.27 7.47 -20.87
N ALA B 174 -17.32 6.67 -20.64
CA ALA B 174 -18.66 7.18 -20.82
C ALA B 174 -18.95 8.32 -19.85
N SER B 175 -18.47 8.18 -18.61
CA SER B 175 -18.73 9.18 -17.59
C SER B 175 -17.62 10.22 -17.46
N GLY B 176 -16.89 10.52 -18.54
CA GLY B 176 -15.90 11.57 -18.46
C GLY B 176 -14.49 11.16 -18.80
N LYS B 177 -13.62 11.11 -17.79
CA LYS B 177 -12.18 10.91 -17.88
C LYS B 177 -11.81 9.88 -18.94
N PRO B 178 -11.05 10.29 -19.96
CA PRO B 178 -10.62 9.33 -21.00
C PRO B 178 -9.45 8.47 -20.54
N ALA B 179 -9.63 7.81 -19.41
CA ALA B 179 -8.60 6.93 -18.88
C ALA B 179 -8.55 5.63 -19.68
N THR B 180 -7.59 4.79 -19.35
CA THR B 180 -7.41 3.53 -20.04
C THR B 180 -6.57 2.61 -19.19
N LEU B 181 -6.47 1.36 -19.61
CA LEU B 181 -5.58 0.40 -18.96
C LEU B 181 -4.13 0.77 -19.23
N ARG B 182 -3.30 0.56 -18.22
CA ARG B 182 -1.89 0.85 -18.30
C ARG B 182 -1.11 -0.39 -17.91
N HIS B 183 -0.13 -0.75 -18.74
CA HIS B 183 0.74 -1.85 -18.39
C HIS B 183 1.35 -1.62 -17.03
N HIS B 184 1.80 -2.70 -16.40
CA HIS B 184 2.43 -2.59 -15.11
C HIS B 184 3.65 -3.48 -15.07
N ARG B 185 4.56 -3.17 -14.15
CA ARG B 185 5.85 -3.81 -14.05
C ARG B 185 5.78 -4.85 -12.95
N PHE B 186 6.39 -6.00 -13.17
CA PHE B 186 6.25 -7.07 -12.21
C PHE B 186 7.05 -6.80 -10.94
N ASP B 187 6.43 -6.12 -9.98
CA ASP B 187 7.10 -5.87 -8.71
C ASP B 187 7.18 -7.13 -7.86
N GLY B 188 6.42 -8.17 -8.20
CA GLY B 188 6.35 -9.36 -7.39
C GLY B 188 5.10 -9.48 -6.54
N SER B 189 4.08 -8.66 -6.79
CA SER B 189 2.84 -8.69 -6.03
C SER B 189 1.72 -9.18 -6.94
N GLY B 190 0.96 -10.16 -6.48
CA GLY B 190 -0.02 -10.80 -7.33
C GLY B 190 -1.13 -11.49 -6.56
N THR B 191 -1.87 -12.30 -7.30
CA THR B 191 -3.07 -12.97 -6.81
C THR B 191 -3.09 -14.40 -7.33
N ILE B 192 -3.39 -15.35 -6.47
CA ILE B 192 -3.65 -16.72 -6.89
C ILE B 192 -4.96 -17.16 -6.28
N ALA B 193 -5.58 -18.20 -6.84
CA ALA B 193 -6.89 -18.62 -6.38
C ALA B 193 -7.06 -20.13 -6.49
N VAL B 194 -8.07 -20.64 -5.79
CA VAL B 194 -8.48 -22.02 -5.86
C VAL B 194 -9.99 -22.08 -5.71
N GLN B 195 -10.64 -22.86 -6.58
CA GLN B 195 -12.09 -23.01 -6.62
C GLN B 195 -12.51 -24.28 -5.90
N LEU B 196 -13.76 -24.32 -5.47
CA LEU B 196 -14.33 -25.51 -4.83
C LEU B 196 -15.44 -26.03 -5.73
N GLN B 197 -15.22 -27.20 -6.32
CA GLN B 197 -16.22 -27.76 -7.22
C GLN B 197 -17.25 -28.56 -6.45
N ARG B 198 -18.51 -28.15 -6.55
CA ARG B 198 -19.64 -28.86 -5.95
C ARG B 198 -20.62 -29.22 -7.05
N GLN B 199 -20.58 -30.47 -7.50
CA GLN B 199 -21.50 -30.92 -8.52
C GLN B 199 -22.92 -31.01 -7.97
N ALA B 200 -23.85 -31.32 -8.85
CA ALA B 200 -25.26 -31.41 -8.46
C ALA B 200 -25.48 -32.60 -7.54
N GLY B 201 -26.39 -32.43 -6.58
CA GLY B 201 -26.69 -33.49 -5.64
C GLY B 201 -25.52 -33.89 -4.78
N ALA B 202 -24.74 -32.93 -4.32
CA ALA B 202 -23.58 -33.20 -3.50
C ALA B 202 -23.74 -32.57 -2.12
N PRO B 203 -23.13 -33.15 -1.09
CA PRO B 203 -23.24 -32.55 0.23
C PRO B 203 -22.60 -31.18 0.25
N PRO B 204 -23.08 -30.28 1.12
CA PRO B 204 -22.44 -28.97 1.22
C PRO B 204 -21.00 -29.12 1.65
N ARG B 205 -20.12 -28.32 1.05
CA ARG B 205 -18.72 -28.28 1.45
C ARG B 205 -18.62 -27.56 2.80
N THR B 206 -19.01 -28.27 3.85
CA THR B 206 -19.10 -27.67 5.16
C THR B 206 -17.70 -27.31 5.67
N PRO B 207 -17.59 -26.27 6.49
CA PRO B 207 -16.29 -25.96 7.08
C PRO B 207 -15.71 -27.13 7.84
N MET B 208 -16.57 -27.97 8.43
CA MET B 208 -16.10 -29.18 9.06
C MET B 208 -15.50 -30.15 8.05
N VAL B 209 -16.01 -30.17 6.83
CA VAL B 209 -15.40 -31.04 5.81
C VAL B 209 -13.99 -30.56 5.52
N LEU B 210 -13.77 -29.26 5.51
CA LEU B 210 -12.44 -28.74 5.23
C LEU B 210 -11.42 -29.15 6.29
N ALA B 211 -11.82 -29.15 7.56
CA ALA B 211 -10.90 -29.50 8.63
C ALA B 211 -10.54 -30.96 8.65
N ASP B 212 -11.23 -31.79 7.87
CA ASP B 212 -10.89 -33.20 7.78
C ASP B 212 -9.55 -33.37 7.09
N GLU B 213 -8.74 -34.29 7.61
CA GLU B 213 -7.47 -34.58 6.98
C GLU B 213 -7.61 -35.63 5.90
N ALA B 214 -8.78 -36.26 5.81
CA ALA B 214 -9.10 -37.23 4.78
C ALA B 214 -10.40 -36.86 4.08
N GLY B 215 -10.65 -35.57 3.94
CA GLY B 215 -11.86 -35.09 3.29
C GLY B 215 -11.74 -35.07 1.78
N LYS B 216 -12.86 -34.69 1.15
CA LYS B 216 -12.90 -34.68 -0.31
C LYS B 216 -12.07 -33.53 -0.88
N TYR B 217 -11.64 -32.59 -0.04
CA TYR B 217 -10.83 -31.46 -0.49
C TYR B 217 -9.47 -31.41 0.20
N ARG B 218 -9.01 -32.55 0.68
CA ARG B 218 -7.67 -32.63 1.26
C ARG B 218 -6.59 -32.29 0.26
N ASN B 219 -6.90 -32.35 -1.04
CA ASN B 219 -5.92 -32.05 -2.07
C ASN B 219 -6.07 -30.65 -2.62
N VAL B 220 -7.02 -29.87 -2.12
CA VAL B 220 -7.40 -28.60 -2.73
C VAL B 220 -7.29 -27.45 -1.74
N LEU B 221 -7.78 -27.65 -0.53
CA LEU B 221 -7.69 -26.63 0.52
C LEU B 221 -8.04 -27.32 1.83
N HIS B 222 -7.30 -26.99 2.89
CA HIS B 222 -7.52 -27.65 4.17
C HIS B 222 -7.13 -26.71 5.29
N ILE B 223 -8.12 -26.28 6.08
CA ILE B 223 -7.87 -25.39 7.21
C ILE B 223 -8.23 -26.12 8.50
N PRO B 224 -7.30 -26.84 9.11
CA PRO B 224 -7.63 -27.64 10.29
C PRO B 224 -7.95 -26.77 11.50
N GLY B 225 -8.70 -27.36 12.42
CA GLY B 225 -8.97 -26.71 13.69
C GLY B 225 -10.10 -25.72 13.70
N TRP B 226 -11.15 -25.94 12.92
CA TRP B 226 -12.32 -25.07 12.98
C TRP B 226 -13.01 -25.24 14.33
N THR B 227 -13.68 -24.18 14.77
CA THR B 227 -14.49 -24.20 15.98
C THR B 227 -15.85 -23.57 15.70
N ASP B 228 -16.87 -24.08 16.37
CA ASP B 228 -18.17 -23.44 16.27
C ASP B 228 -18.10 -22.04 16.87
N PRO B 229 -18.61 -21.02 16.18
CA PRO B 229 -18.54 -19.66 16.71
C PRO B 229 -19.26 -19.49 18.04
N ASP B 230 -20.28 -20.31 18.31
CA ASP B 230 -20.95 -20.22 19.60
C ASP B 230 -19.99 -20.54 20.74
N VAL B 231 -19.17 -21.58 20.56
CA VAL B 231 -18.08 -21.83 21.51
C VAL B 231 -17.02 -20.74 21.40
N TRP B 232 -16.76 -20.26 20.18
CA TRP B 232 -15.67 -19.33 19.96
C TRP B 232 -15.86 -18.04 20.74
N GLU B 233 -17.09 -17.54 20.82
CA GLU B 233 -17.33 -16.28 21.49
C GLU B 233 -17.13 -16.36 23.00
N GLN B 234 -16.94 -17.56 23.55
CA GLN B 234 -16.71 -17.68 24.97
C GLN B 234 -15.24 -17.86 25.32
N MET B 235 -14.43 -18.36 24.39
CA MET B 235 -13.00 -18.53 24.67
C MET B 235 -12.34 -17.18 24.87
N THR B 236 -11.44 -17.10 25.84
CA THR B 236 -10.78 -15.83 26.12
C THR B 236 -9.89 -15.45 24.94
N ARG B 237 -9.61 -14.15 24.83
CA ARG B 237 -8.74 -13.68 23.75
C ARG B 237 -7.41 -14.40 23.75
N SER B 238 -6.93 -14.80 24.93
CA SER B 238 -5.66 -15.52 24.99
C SER B 238 -5.73 -16.82 24.19
N GLN B 239 -6.58 -17.76 24.63
CA GLN B 239 -6.70 -19.02 23.91
C GLN B 239 -7.25 -18.80 22.52
N CYS B 240 -7.96 -17.70 22.31
CA CYS B 240 -8.44 -17.40 20.96
C CYS B 240 -7.28 -17.16 20.01
N ARG B 241 -6.45 -16.15 20.28
CA ARG B 241 -5.37 -15.85 19.37
C ARG B 241 -4.28 -16.90 19.42
N GLN B 242 -4.26 -17.75 20.45
CA GLN B 242 -3.30 -18.85 20.47
C GLN B 242 -3.82 -20.04 19.68
N SER B 243 -5.14 -20.22 19.64
CA SER B 243 -5.74 -21.30 18.90
C SER B 243 -5.71 -21.05 17.40
N GLY B 244 -5.82 -19.79 17.00
CA GLY B 244 -5.88 -19.44 15.60
C GLY B 244 -4.60 -19.61 14.83
N ARG B 245 -3.46 -19.76 15.50
CA ARG B 245 -2.20 -19.97 14.80
C ARG B 245 -2.23 -21.39 14.26
N VAL B 246 -2.65 -21.53 13.00
CA VAL B 246 -2.85 -22.83 12.39
C VAL B 246 -2.17 -22.85 11.02
N THR B 247 -2.02 -24.05 10.48
CA THR B 247 -1.22 -24.27 9.29
C THR B 247 -2.13 -24.71 8.15
N VAL B 248 -2.33 -23.81 7.19
CA VAL B 248 -3.21 -24.07 6.05
C VAL B 248 -2.42 -24.76 4.95
N ARG B 249 -2.91 -25.90 4.51
CA ARG B 249 -2.37 -26.54 3.31
C ARG B 249 -3.22 -26.12 2.13
N MET B 250 -2.58 -25.58 1.10
CA MET B 250 -3.27 -25.03 -0.06
C MET B 250 -2.64 -25.58 -1.32
N ARG B 251 -3.49 -26.05 -2.23
CA ARG B 251 -3.02 -26.31 -3.58
C ARG B 251 -2.59 -24.98 -4.19
N CYS B 252 -1.38 -24.96 -4.75
CA CYS B 252 -0.80 -23.74 -5.26
C CYS B 252 -0.63 -23.78 -6.77
N GLY B 253 0.00 -24.82 -7.29
CA GLY B 253 0.18 -24.91 -8.72
C GLY B 253 1.00 -26.11 -9.09
N SER B 254 1.31 -26.19 -10.37
CA SER B 254 2.12 -27.27 -10.92
C SER B 254 3.41 -26.69 -11.48
N THR B 255 4.48 -27.45 -11.33
CA THR B 255 5.76 -27.11 -11.94
C THR B 255 6.25 -28.38 -12.64
N ASP B 256 6.43 -28.28 -13.96
CA ASP B 256 6.79 -29.42 -14.79
C ASP B 256 5.77 -30.55 -14.61
N GLY B 257 4.49 -30.19 -14.56
CA GLY B 257 3.42 -31.16 -14.45
C GLY B 257 3.36 -31.87 -13.11
N GLN B 258 3.64 -31.16 -12.02
CA GLN B 258 3.55 -31.73 -10.70
C GLN B 258 2.90 -30.75 -9.74
N PRO B 259 1.79 -31.11 -9.11
CA PRO B 259 1.13 -30.19 -8.19
C PRO B 259 2.07 -29.81 -7.05
N GLN B 260 1.96 -28.55 -6.62
CA GLN B 260 2.74 -28.05 -5.50
C GLN B 260 1.81 -27.34 -4.53
N TRP B 261 2.02 -27.59 -3.24
CA TRP B 261 1.19 -27.06 -2.18
C TRP B 261 2.03 -26.11 -1.34
N ILE B 262 1.39 -25.23 -0.63
CA ILE B 262 2.10 -24.42 0.35
C ILE B 262 1.42 -24.55 1.70
N ASP B 263 2.17 -24.28 2.76
CA ASP B 263 1.71 -24.45 4.13
C ASP B 263 1.82 -23.11 4.86
N LEU B 264 0.78 -22.30 4.74
CA LEU B 264 0.79 -20.96 5.29
C LEU B 264 0.58 -21.01 6.79
N PRO B 265 1.39 -20.35 7.58
CA PRO B 265 1.00 -20.04 8.96
C PRO B 265 0.02 -18.89 8.97
N VAL B 266 -1.23 -19.18 9.36
CA VAL B 266 -2.26 -18.15 9.40
C VAL B 266 -2.77 -18.03 10.83
N GLN B 267 -3.19 -16.82 11.18
CA GLN B 267 -3.83 -16.55 12.46
C GLN B 267 -5.29 -16.20 12.21
N VAL B 268 -6.18 -17.16 12.47
CA VAL B 268 -7.60 -17.03 12.15
C VAL B 268 -8.28 -16.40 13.35
N HIS B 269 -9.10 -15.38 13.11
CA HIS B 269 -9.78 -14.74 14.22
C HIS B 269 -11.26 -15.04 14.29
N ARG B 270 -11.89 -15.40 13.16
CA ARG B 270 -13.29 -15.78 13.18
C ARG B 270 -13.51 -16.97 12.26
N TRP B 271 -14.30 -17.92 12.73
CA TRP B 271 -14.58 -19.14 12.01
C TRP B 271 -15.91 -19.02 11.28
N LEU B 272 -16.18 -19.97 10.44
CA LEU B 272 -17.41 -19.83 9.68
C LEU B 272 -18.52 -20.68 10.29
N PRO B 273 -19.76 -20.21 10.20
CA PRO B 273 -20.88 -20.97 10.77
C PRO B 273 -21.02 -22.34 10.12
N ALA B 274 -21.42 -23.32 10.91
CA ALA B 274 -21.35 -24.72 10.49
C ALA B 274 -22.19 -25.01 9.26
N ASP B 275 -23.21 -24.21 9.00
CA ASP B 275 -24.09 -24.43 7.88
C ASP B 275 -23.57 -23.80 6.59
N ALA B 276 -22.40 -23.19 6.64
CA ALA B 276 -21.92 -22.41 5.50
C ALA B 276 -21.62 -23.31 4.31
N ASP B 277 -21.31 -22.66 3.18
CA ASP B 277 -20.92 -23.36 1.96
C ASP B 277 -19.80 -22.54 1.33
N ILE B 278 -18.56 -23.00 1.50
CA ILE B 278 -17.40 -22.30 0.98
C ILE B 278 -17.48 -22.25 -0.54
N THR B 279 -17.01 -21.16 -1.16
CA THR B 279 -16.91 -21.14 -2.61
C THR B 279 -15.48 -21.23 -3.10
N GLY B 280 -14.61 -20.36 -2.62
CA GLY B 280 -13.24 -20.36 -3.11
C GLY B 280 -12.30 -19.68 -2.14
N ALA B 281 -11.02 -19.78 -2.46
CA ALA B 281 -10.00 -19.18 -1.61
C ALA B 281 -8.97 -18.49 -2.50
N GLU B 282 -8.72 -17.22 -2.21
CA GLU B 282 -7.76 -16.48 -3.01
C GLU B 282 -6.70 -15.92 -2.10
N LEU B 283 -5.44 -16.12 -2.49
CA LEU B 283 -4.29 -15.64 -1.75
C LEU B 283 -3.74 -14.39 -2.43
N VAL B 284 -3.63 -13.31 -1.67
CA VAL B 284 -3.23 -12.01 -2.17
C VAL B 284 -1.88 -11.65 -1.56
N VAL B 285 -0.92 -11.28 -2.41
CA VAL B 285 0.40 -10.87 -1.97
C VAL B 285 0.57 -9.39 -2.29
N THR B 286 0.80 -8.59 -1.25
CA THR B 286 0.98 -7.16 -1.39
C THR B 286 2.40 -6.78 -0.98
N ARG B 287 2.98 -5.82 -1.70
CA ARG B 287 4.28 -5.28 -1.35
C ARG B 287 4.10 -3.85 -0.85
N VAL B 288 4.55 -3.60 0.37
CA VAL B 288 4.55 -2.26 0.94
C VAL B 288 5.93 -2.01 1.52
N ALA B 289 6.63 -1.00 1.01
CA ALA B 289 7.94 -0.60 1.50
C ALA B 289 8.92 -1.77 1.52
N GLY B 290 8.85 -2.60 0.48
CA GLY B 290 9.77 -3.72 0.41
C GLY B 290 9.52 -4.82 1.42
N ILE B 291 8.31 -4.97 1.91
CA ILE B 291 7.95 -6.05 2.82
C ILE B 291 6.80 -6.83 2.17
N TYR B 292 6.99 -8.14 2.03
CA TYR B 292 5.96 -8.99 1.42
C TYR B 292 4.92 -9.36 2.47
N ARG B 293 3.80 -8.66 2.48
CA ARG B 293 2.65 -9.04 3.29
C ARG B 293 1.70 -9.88 2.45
N ALA B 294 1.22 -10.95 3.06
CA ALA B 294 0.29 -11.85 2.37
C ALA B 294 -1.01 -11.87 3.15
N LYS B 295 -2.05 -12.41 2.52
CA LYS B 295 -3.35 -12.48 3.16
C LYS B 295 -4.20 -13.51 2.43
N LEU B 296 -4.88 -14.38 3.16
CA LEU B 296 -5.71 -15.41 2.57
C LEU B 296 -7.17 -15.02 2.76
N CYS B 297 -7.96 -15.06 1.70
CA CYS B 297 -9.37 -14.72 1.80
C CYS B 297 -10.20 -15.93 1.40
N VAL B 298 -11.17 -16.29 2.24
CA VAL B 298 -12.06 -17.42 1.99
C VAL B 298 -13.46 -16.87 1.76
N THR B 299 -14.11 -17.31 0.69
CA THR B 299 -15.45 -16.84 0.34
C THR B 299 -16.44 -18.00 0.40
N ALA B 300 -17.61 -17.74 0.97
CA ALA B 300 -18.63 -18.76 1.15
C ALA B 300 -20.01 -18.15 1.03
N ARG B 301 -21.01 -19.01 1.15
CA ARG B 301 -22.41 -18.63 1.04
C ARG B 301 -23.08 -18.83 2.39
N ILE B 302 -23.92 -17.88 2.80
CA ILE B 302 -24.54 -17.90 4.12
C ILE B 302 -26.01 -17.54 3.99
N GLY B 303 -26.84 -18.16 4.82
CA GLY B 303 -28.24 -17.80 4.84
C GLY B 303 -28.47 -16.35 5.24
N ASP B 304 -29.49 -15.76 4.64
CA ASP B 304 -29.77 -14.34 4.87
C ASP B 304 -30.36 -14.12 6.25
N THR B 305 -30.49 -12.85 6.61
CA THR B 305 -31.09 -12.43 7.87
C THR B 305 -32.49 -11.90 7.62
N GLU B 306 -33.39 -12.14 8.56
CA GLU B 306 -34.71 -11.56 8.47
C GLU B 306 -34.62 -10.05 8.58
N PRO B 307 -35.20 -9.30 7.64
CA PRO B 307 -35.16 -7.84 7.73
C PRO B 307 -35.91 -7.36 8.96
N VAL B 308 -35.41 -6.26 9.55
CA VAL B 308 -35.98 -5.74 10.78
C VAL B 308 -37.33 -5.10 10.50
N THR B 309 -38.12 -4.93 11.56
CA THR B 309 -39.42 -4.31 11.43
C THR B 309 -39.54 -3.09 12.32
N SER B 310 -38.95 -3.16 13.52
CA SER B 310 -39.00 -2.06 14.47
C SER B 310 -37.62 -1.44 14.58
N GLY B 311 -37.61 -0.12 14.73
CA GLY B 311 -36.38 0.63 14.79
C GLY B 311 -36.53 1.98 14.15
N PRO B 312 -36.07 3.02 14.81
CA PRO B 312 -36.30 4.38 14.32
C PRO B 312 -35.63 4.61 12.99
N THR B 313 -36.21 5.50 12.20
CA THR B 313 -35.64 5.88 10.91
C THR B 313 -34.49 6.85 11.14
N VAL B 314 -33.36 6.57 10.51
CA VAL B 314 -32.14 7.35 10.68
C VAL B 314 -31.72 7.91 9.33
N ALA B 315 -31.53 9.22 9.28
CA ALA B 315 -31.15 9.91 8.06
C ALA B 315 -29.75 10.50 8.21
N LEU B 316 -28.96 10.43 7.15
CA LEU B 316 -27.57 10.85 7.16
C LEU B 316 -27.33 11.84 6.04
N HIS B 317 -26.38 12.76 6.25
CA HIS B 317 -26.03 13.73 5.23
C HIS B 317 -24.52 13.97 5.23
N LEU B 318 -23.98 14.28 4.06
CA LEU B 318 -22.54 14.35 3.84
C LEU B 318 -22.10 15.76 3.49
N GLY B 319 -20.83 16.06 3.75
CA GLY B 319 -20.20 17.34 3.45
C GLY B 319 -18.71 17.22 3.61
N TRP B 320 -18.03 18.36 3.67
CA TRP B 320 -16.66 18.40 4.14
C TRP B 320 -16.32 19.74 4.80
N ARG B 321 -17.30 20.34 5.47
CA ARG B 321 -17.06 21.57 6.22
C ARG B 321 -16.13 21.30 7.38
N SER B 322 -15.33 22.31 7.73
CA SER B 322 -14.26 22.13 8.71
C SER B 322 -14.73 22.45 10.12
N THR B 323 -13.99 21.92 11.09
CA THR B 323 -14.20 22.17 12.50
C THR B 323 -12.84 22.17 13.19
N GLU B 324 -12.73 22.94 14.27
CA GLU B 324 -11.45 23.15 14.94
C GLU B 324 -10.84 21.84 15.43
N GLU B 325 -11.64 20.81 15.63
CA GLU B 325 -11.16 19.55 16.19
C GLU B 325 -11.10 18.44 15.14
N GLY B 326 -11.23 18.80 13.87
CA GLY B 326 -11.23 17.84 12.78
C GLY B 326 -12.25 18.19 11.72
N THR B 327 -12.20 17.43 10.64
CA THR B 327 -13.11 17.64 9.53
C THR B 327 -14.50 17.13 9.90
N ALA B 328 -15.52 17.97 9.73
CA ALA B 328 -16.90 17.58 10.04
C ALA B 328 -17.46 16.86 8.84
N VAL B 329 -17.48 15.52 8.89
CA VAL B 329 -17.76 14.77 7.67
C VAL B 329 -19.23 14.40 7.48
N ALA B 330 -20.06 14.53 8.52
CA ALA B 330 -21.46 14.18 8.30
C ALA B 330 -22.36 14.74 9.38
N THR B 331 -23.65 14.76 9.10
CA THR B 331 -24.67 15.12 10.08
C THR B 331 -25.81 14.12 10.00
N TRP B 332 -26.22 13.58 11.15
CA TRP B 332 -27.25 12.56 11.21
C TRP B 332 -28.39 13.02 12.10
N ARG B 333 -29.60 12.59 11.74
CA ARG B 333 -30.79 12.82 12.52
C ARG B 333 -31.53 11.50 12.68
N SER B 334 -32.27 11.38 13.78
CA SER B 334 -32.96 10.15 14.11
C SER B 334 -34.42 10.45 14.45
N ASP B 335 -35.28 9.48 14.13
CA ASP B 335 -36.69 9.61 14.49
C ASP B 335 -36.88 9.53 16.00
N ALA B 336 -36.13 8.68 16.67
CA ALA B 336 -36.22 8.47 18.10
C ALA B 336 -34.83 8.52 18.70
N PRO B 337 -34.71 8.80 19.99
CA PRO B 337 -33.37 8.89 20.61
C PRO B 337 -32.59 7.60 20.42
N LEU B 338 -31.28 7.75 20.28
CA LEU B 338 -30.40 6.63 19.99
C LEU B 338 -29.36 6.47 21.09
N ASP B 339 -28.74 5.30 21.12
CA ASP B 339 -27.73 4.95 22.09
C ASP B 339 -26.39 4.81 21.38
N ILE B 340 -25.38 5.52 21.88
CA ILE B 340 -24.06 5.58 21.25
C ILE B 340 -23.04 5.02 22.22
N PRO B 341 -22.18 4.09 21.81
CA PRO B 341 -21.20 3.51 22.73
C PRO B 341 -20.24 4.55 23.28
N PHE B 342 -19.73 4.28 24.48
CA PHE B 342 -18.89 5.27 25.17
C PHE B 342 -17.54 5.42 24.49
N GLY B 343 -17.05 4.39 23.81
CA GLY B 343 -15.75 4.48 23.18
C GLY B 343 -15.72 5.31 21.90
N LEU B 344 -16.88 5.70 21.39
CA LEU B 344 -16.98 6.46 20.15
C LEU B 344 -17.57 7.85 20.37
N ARG B 345 -17.84 8.23 21.62
CA ARG B 345 -18.54 9.48 21.89
C ARG B 345 -17.74 10.71 21.48
N THR B 346 -16.44 10.57 21.24
CA THR B 346 -15.66 11.68 20.74
C THR B 346 -15.50 11.67 19.23
N VAL B 347 -16.12 10.74 18.54
CA VAL B 347 -16.14 10.72 17.08
C VAL B 347 -17.55 10.89 16.55
N MET B 348 -18.52 10.20 17.14
CA MET B 348 -19.91 10.32 16.73
C MET B 348 -20.64 11.17 17.76
N ARG B 349 -20.56 12.49 17.58
CA ARG B 349 -21.14 13.39 18.55
C ARG B 349 -22.65 13.25 18.59
N VAL B 350 -23.24 13.60 19.73
CA VAL B 350 -24.68 13.51 19.93
C VAL B 350 -25.17 14.78 20.61
N ASP B 351 -26.46 15.06 20.43
CA ASP B 351 -27.07 16.26 20.99
C ASP B 351 -27.78 15.93 22.31
N ALA B 352 -28.44 16.94 22.87
CA ALA B 352 -29.12 16.77 24.15
C ALA B 352 -30.27 15.77 24.03
N ALA B 353 -31.06 15.88 22.97
CA ALA B 353 -32.21 14.98 22.80
C ALA B 353 -31.79 13.59 22.37
N GLY B 354 -30.57 13.43 21.86
CA GLY B 354 -30.12 12.14 21.38
C GLY B 354 -30.59 11.78 19.99
N THR B 355 -31.26 12.70 19.29
CA THR B 355 -31.81 12.44 17.98
C THR B 355 -31.06 13.11 16.85
N SER B 356 -30.02 13.88 17.17
CA SER B 356 -29.25 14.57 16.15
C SER B 356 -27.78 14.50 16.52
N GLY B 357 -26.92 14.61 15.52
CA GLY B 357 -25.50 14.58 15.82
C GLY B 357 -24.66 14.90 14.61
N ILE B 358 -23.37 15.09 14.88
CA ILE B 358 -22.35 15.39 13.90
C ILE B 358 -21.30 14.30 13.95
N ILE B 359 -20.93 13.78 12.78
CA ILE B 359 -19.83 12.84 12.66
C ILE B 359 -18.61 13.63 12.20
N VAL B 360 -17.58 13.65 13.05
CA VAL B 360 -16.30 14.27 12.72
C VAL B 360 -15.22 13.20 12.78
N VAL B 361 -14.14 13.45 12.06
CA VAL B 361 -12.95 12.59 12.10
C VAL B 361 -11.87 13.34 12.88
N PRO B 362 -11.28 12.75 13.91
CA PRO B 362 -10.30 13.49 14.70
C PRO B 362 -9.13 13.93 13.83
N ALA B 363 -8.64 15.13 14.10
CA ALA B 363 -7.67 15.76 13.21
C ALA B 363 -6.35 15.01 13.14
N THR B 364 -6.12 14.07 14.05
CA THR B 364 -4.86 13.33 14.04
C THR B 364 -4.65 12.61 12.72
N ILE B 365 -5.73 12.21 12.05
CA ILE B 365 -5.59 11.61 10.73
C ILE B 365 -4.99 12.61 9.76
N GLU B 366 -5.50 13.84 9.78
CA GLU B 366 -4.98 14.86 8.89
C GLU B 366 -3.51 15.13 9.18
N ARG B 367 -3.16 15.24 10.46
CA ARG B 367 -1.77 15.51 10.79
C ARG B 367 -0.86 14.38 10.32
N ARG B 368 -1.29 13.13 10.51
CA ARG B 368 -0.42 12.04 10.05
C ARG B 368 -0.28 12.03 8.55
N LEU B 369 -1.35 12.26 7.80
CA LEU B 369 -1.19 12.28 6.34
C LEU B 369 -0.32 13.44 5.90
N THR B 370 -0.40 14.58 6.59
CA THR B 370 0.50 15.68 6.27
C THR B 370 1.94 15.31 6.54
N ARG B 371 2.20 14.58 7.64
CA ARG B 371 3.57 14.12 7.87
C ARG B 371 4.04 13.22 6.74
N THR B 372 3.17 12.33 6.27
CA THR B 372 3.57 11.50 5.15
C THR B 372 3.92 12.34 3.93
N GLU B 373 3.11 13.34 3.63
CA GLU B 373 3.40 14.16 2.45
C GLU B 373 4.72 14.92 2.60
N ASN B 374 4.97 15.47 3.79
CA ASN B 374 6.25 16.14 3.99
C ASN B 374 7.42 15.19 3.87
N ILE B 375 7.28 13.96 4.36
CA ILE B 375 8.35 12.99 4.18
C ILE B 375 8.50 12.66 2.69
N ALA B 376 7.40 12.69 1.95
CA ALA B 376 7.51 12.49 0.50
C ALA B 376 8.34 13.59 -0.15
N SER B 377 8.07 14.84 0.23
CA SER B 377 8.83 15.96 -0.34
C SER B 377 10.29 15.90 0.04
N SER B 378 10.57 15.61 1.31
CA SER B 378 11.96 15.55 1.76
C SER B 378 12.69 14.41 1.06
N ARG B 379 12.02 13.28 0.88
CA ARG B 379 12.62 12.19 0.13
C ARG B 379 12.93 12.62 -1.29
N SER B 380 12.03 13.40 -1.90
CA SER B 380 12.31 13.87 -3.25
C SER B 380 13.56 14.74 -3.29
N LEU B 381 13.69 15.67 -2.34
CA LEU B 381 14.87 16.53 -2.34
C LEU B 381 16.15 15.74 -2.11
N ALA B 382 16.13 14.80 -1.17
CA ALA B 382 17.32 14.00 -0.92
C ALA B 382 17.64 13.12 -2.13
N LEU B 383 16.60 12.66 -2.82
CA LEU B 383 16.77 11.91 -4.06
C LEU B 383 17.52 12.74 -5.09
N ASP B 384 17.11 13.99 -5.26
CA ASP B 384 17.82 14.89 -6.17
C ASP B 384 19.26 15.13 -5.75
N ALA B 385 19.50 15.32 -4.45
CA ALA B 385 20.85 15.52 -3.98
C ALA B 385 21.73 14.32 -4.30
N LEU B 386 21.22 13.12 -4.08
CA LEU B 386 22.00 11.94 -4.42
C LEU B 386 22.24 11.86 -5.92
N ARG B 387 21.23 12.22 -6.71
CA ARG B 387 21.40 12.18 -8.16
C ARG B 387 22.55 13.09 -8.57
N ASP B 388 22.58 14.31 -8.03
CA ASP B 388 23.65 15.24 -8.37
C ASP B 388 25.00 14.70 -7.92
N LYS B 389 25.07 14.17 -6.70
CA LYS B 389 26.37 13.70 -6.21
C LYS B 389 26.89 12.53 -7.03
N VAL B 390 26.01 11.60 -7.38
CA VAL B 390 26.47 10.46 -8.16
C VAL B 390 26.87 10.90 -9.56
N VAL B 391 26.15 11.87 -10.14
CA VAL B 391 26.54 12.36 -11.45
C VAL B 391 27.92 13.00 -11.39
N GLY B 392 28.16 13.81 -10.36
CA GLY B 392 29.48 14.42 -10.23
C GLY B 392 30.58 13.39 -10.08
N TRP B 393 30.36 12.41 -9.21
CA TRP B 393 31.39 11.38 -9.02
C TRP B 393 31.65 10.61 -10.30
N LEU B 394 30.58 10.28 -11.05
CA LEU B 394 30.78 9.56 -12.30
C LEU B 394 31.55 10.41 -13.30
N SER B 395 31.27 11.71 -13.33
CA SER B 395 32.02 12.58 -14.23
C SER B 395 33.49 12.63 -13.86
N ASP B 396 33.80 12.65 -12.56
CA ASP B 396 35.17 12.84 -12.12
C ASP B 396 35.96 11.55 -11.93
N ASN B 397 35.35 10.38 -12.08
CA ASN B 397 36.03 9.13 -11.77
C ASN B 397 35.75 8.10 -12.86
N ASP B 398 36.34 6.92 -12.66
CA ASP B 398 36.03 5.76 -13.48
C ASP B 398 34.65 5.22 -13.15
N ALA B 399 34.11 4.41 -14.05
CA ALA B 399 32.80 3.79 -13.85
C ALA B 399 32.95 2.29 -13.75
N PRO B 400 32.90 1.70 -12.56
CA PRO B 400 32.84 0.24 -12.46
C PRO B 400 31.58 -0.28 -13.12
N THR B 401 31.69 -1.46 -13.70
CA THR B 401 30.61 -2.01 -14.52
C THR B 401 29.37 -2.26 -13.68
N TYR B 402 28.21 -1.84 -14.20
CA TYR B 402 26.92 -2.15 -13.61
C TYR B 402 26.13 -2.96 -14.61
N ARG B 403 25.63 -4.12 -14.17
CA ARG B 403 25.03 -5.11 -15.06
C ARG B 403 25.97 -5.46 -16.22
N ASP B 404 27.27 -5.54 -15.91
CA ASP B 404 28.30 -5.83 -16.90
C ASP B 404 28.26 -4.83 -18.06
N ALA B 405 27.97 -3.58 -17.73
CA ALA B 405 27.87 -2.53 -18.74
C ALA B 405 28.33 -1.23 -18.12
N PRO B 406 29.07 -0.40 -18.85
CA PRO B 406 29.51 0.88 -18.30
C PRO B 406 28.33 1.80 -18.02
N LEU B 407 28.50 2.62 -17.00
CA LEU B 407 27.48 3.58 -16.61
C LEU B 407 27.82 4.95 -17.17
N GLU B 408 26.83 5.60 -17.77
CA GLU B 408 27.01 6.89 -18.41
C GLU B 408 26.24 7.96 -17.66
N ALA B 409 26.85 9.15 -17.55
CA ALA B 409 26.25 10.21 -16.76
C ALA B 409 24.88 10.61 -17.29
N ALA B 410 24.67 10.50 -18.61
CA ALA B 410 23.37 10.88 -19.16
C ALA B 410 22.26 9.97 -18.65
N THR B 411 22.49 8.66 -18.64
CA THR B 411 21.48 7.73 -18.17
C THR B 411 21.16 7.95 -16.70
N VAL B 412 22.19 8.16 -15.89
CA VAL B 412 21.97 8.43 -14.47
C VAL B 412 21.22 9.74 -14.31
N LYS B 413 21.51 10.73 -15.16
CA LYS B 413 20.85 12.02 -15.04
C LYS B 413 19.37 11.91 -15.35
N GLN B 414 18.96 10.93 -16.14
CA GLN B 414 17.57 10.81 -16.52
C GLN B 414 16.74 10.00 -15.54
N TRP B 415 17.35 9.43 -14.50
CA TRP B 415 16.60 8.65 -13.52
C TRP B 415 15.67 9.54 -12.72
N LYS B 416 14.45 9.06 -12.47
CA LYS B 416 13.52 9.77 -11.61
C LYS B 416 12.99 8.89 -10.49
N SER B 417 12.77 7.61 -10.76
CA SER B 417 12.29 6.72 -9.71
C SER B 417 13.46 6.28 -8.83
N PRO B 418 13.21 5.99 -7.56
CA PRO B 418 14.29 5.46 -6.72
C PRO B 418 14.81 4.11 -7.17
N GLN B 419 14.06 3.38 -8.01
CA GLN B 419 14.38 1.98 -8.27
C GLN B 419 15.77 1.79 -8.85
N ARG B 420 16.14 2.60 -9.84
CA ARG B 420 17.46 2.46 -10.44
C ARG B 420 18.56 2.68 -9.41
N PHE B 421 18.41 3.71 -8.58
CA PHE B 421 19.41 3.94 -7.55
C PHE B 421 19.49 2.75 -6.61
N ALA B 422 18.35 2.18 -6.24
CA ALA B 422 18.36 1.06 -5.30
C ALA B 422 19.11 -0.12 -5.89
N SER B 423 18.80 -0.46 -7.14
CA SER B 423 19.47 -1.60 -7.76
C SER B 423 20.96 -1.35 -7.89
N LEU B 424 21.35 -0.15 -8.29
CA LEU B 424 22.77 0.14 -8.37
C LEU B 424 23.44 0.00 -7.01
N ALA B 425 22.79 0.49 -5.95
CA ALA B 425 23.37 0.41 -4.62
C ALA B 425 23.56 -1.02 -4.19
N HIS B 426 22.52 -1.85 -4.33
CA HIS B 426 22.67 -3.25 -3.96
C HIS B 426 23.72 -3.93 -4.82
N ALA B 427 23.96 -3.39 -6.02
CA ALA B 427 25.02 -3.92 -6.86
C ALA B 427 26.40 -3.55 -6.32
N TRP B 428 26.54 -2.35 -5.77
CA TRP B 428 27.83 -1.87 -5.28
C TRP B 428 27.93 -1.89 -3.77
N LYS B 429 27.38 -2.92 -3.14
CA LYS B 429 27.48 -3.06 -1.69
C LYS B 429 28.92 -2.94 -1.21
N ASP B 430 29.84 -3.63 -1.86
CA ASP B 430 31.18 -3.81 -1.33
C ASP B 430 32.23 -3.59 -2.40
N ASN B 431 31.93 -2.69 -3.35
CA ASN B 431 32.92 -2.35 -4.36
C ASN B 431 34.11 -1.62 -3.78
N GLY B 432 33.96 -1.03 -2.59
CA GLY B 432 35.00 -0.27 -1.97
C GLY B 432 35.07 1.17 -2.43
N THR B 433 34.37 1.51 -3.51
CA THR B 433 34.37 2.89 -3.97
C THR B 433 33.64 3.78 -2.97
N GLU B 434 34.10 5.03 -2.89
CA GLU B 434 33.50 5.98 -1.96
C GLU B 434 32.05 6.26 -2.33
N ILE B 435 31.76 6.37 -3.64
CA ILE B 435 30.39 6.56 -4.07
C ILE B 435 29.50 5.45 -3.53
N SER B 436 30.01 4.21 -3.45
CA SER B 436 29.24 3.11 -2.90
C SER B 436 28.78 3.42 -1.49
N ASP B 437 29.68 3.92 -0.64
CA ASP B 437 29.27 4.40 0.66
C ASP B 437 28.27 5.53 0.50
N ILE B 438 28.58 6.47 -0.39
CA ILE B 438 27.62 7.51 -0.75
C ILE B 438 26.35 6.89 -1.32
N LEU B 439 26.49 5.75 -2.00
CA LEU B 439 25.33 5.07 -2.56
C LEU B 439 24.62 4.17 -1.55
N TRP B 440 25.23 3.91 -0.38
CA TRP B 440 24.54 3.10 0.61
C TRP B 440 23.97 4.02 1.68
N ALA B 441 24.72 5.06 2.01
CA ALA B 441 24.33 6.00 3.05
C ALA B 441 22.95 6.54 2.73
N TRP B 442 22.70 6.93 1.49
CA TRP B 442 21.35 7.33 1.13
C TRP B 442 20.38 6.19 1.31
N PHE B 443 20.71 5.04 0.71
CA PHE B 443 19.78 3.95 0.54
C PHE B 443 19.11 3.57 1.84
N SER B 444 19.91 3.12 2.81
CA SER B 444 19.38 2.70 4.09
C SER B 444 18.49 3.77 4.67
N LEU B 445 18.97 5.01 4.69
CA LEU B 445 18.19 6.08 5.27
C LEU B 445 16.80 6.08 4.67
N ASP B 446 16.73 6.07 3.34
CA ASP B 446 15.42 6.23 2.73
C ASP B 446 14.50 5.06 3.05
N ARG B 447 15.04 3.85 3.20
CA ARG B 447 14.12 2.76 3.46
C ARG B 447 13.55 2.86 4.85
N LYS B 448 14.23 3.53 5.77
CA LYS B 448 13.57 3.88 7.02
C LYS B 448 12.44 4.87 6.75
N GLN B 449 12.72 5.90 5.95
CA GLN B 449 11.70 6.88 5.62
C GLN B 449 10.62 6.25 4.75
N TRP B 450 11.02 5.45 3.76
CA TRP B 450 10.04 4.88 2.84
C TRP B 450 8.98 4.12 3.62
N ALA B 451 9.41 3.24 4.52
CA ALA B 451 8.48 2.58 5.42
C ALA B 451 7.50 3.59 5.99
N GLN B 452 8.00 4.59 6.71
CA GLN B 452 7.11 5.61 7.25
C GLN B 452 6.25 6.18 6.13
N GLN B 453 6.90 6.65 5.07
CA GLN B 453 6.19 7.39 4.04
C GLN B 453 5.05 6.58 3.46
N GLU B 454 5.12 5.25 3.57
CA GLU B 454 3.97 4.46 3.21
C GLU B 454 3.19 4.02 4.43
N ASN B 455 3.86 3.36 5.38
CA ASN B 455 3.12 2.60 6.39
C ASN B 455 2.20 3.51 7.18
N GLY B 456 2.76 4.60 7.72
CA GLY B 456 1.93 5.56 8.42
C GLY B 456 0.66 5.85 7.67
N ARG B 457 0.79 6.22 6.40
CA ARG B 457 -0.40 6.49 5.58
C ARG B 457 -1.42 5.38 5.72
N ARG B 458 -1.05 4.17 5.33
CA ARG B 458 -2.00 3.06 5.40
C ARG B 458 -2.55 2.94 6.81
N LYS B 459 -1.64 2.90 7.80
CA LYS B 459 -2.08 2.82 9.19
C LYS B 459 -3.09 3.92 9.46
N ALA B 460 -2.72 5.16 9.15
CA ALA B 460 -3.63 6.26 9.41
C ALA B 460 -4.94 6.05 8.66
N LEU B 461 -4.88 5.70 7.38
CA LEU B 461 -6.13 5.48 6.66
C LEU B 461 -6.92 4.37 7.30
N GLY B 462 -6.25 3.29 7.69
CA GLY B 462 -6.96 2.23 8.37
C GLY B 462 -7.79 2.76 9.51
N HIS B 463 -7.17 3.61 10.34
CA HIS B 463 -7.87 4.16 11.48
C HIS B 463 -9.18 4.78 11.04
N ARG B 464 -9.12 5.65 10.03
CA ARG B 464 -10.33 6.34 9.60
C ARG B 464 -11.38 5.32 9.18
N ASP B 465 -10.98 4.36 8.34
CA ASP B 465 -11.92 3.33 7.93
C ASP B 465 -12.58 2.72 9.15
N ASP B 466 -11.79 2.36 10.15
CA ASP B 466 -12.34 1.75 11.34
C ASP B 466 -13.49 2.57 11.88
N LEU B 467 -13.26 3.87 12.07
CA LEU B 467 -14.32 4.71 12.61
C LEU B 467 -15.58 4.58 11.78
N TYR B 468 -15.45 4.73 10.47
CA TYR B 468 -16.62 4.63 9.62
C TYR B 468 -17.31 3.30 9.83
N ARG B 469 -16.54 2.20 9.75
CA ARG B 469 -17.16 0.89 9.92
C ARG B 469 -17.85 0.80 11.27
N GLN B 470 -17.17 1.25 12.32
CA GLN B 470 -17.80 1.19 13.64
C GLN B 470 -19.12 1.93 13.62
N ILE B 471 -19.11 3.13 13.03
CA ILE B 471 -20.33 3.93 12.97
C ILE B 471 -21.43 3.13 12.31
N ALA B 472 -21.12 2.49 11.18
CA ALA B 472 -22.14 1.70 10.49
C ALA B 472 -22.80 0.75 11.47
N ALA B 473 -21.99 0.01 12.23
CA ALA B 473 -22.55 -0.95 13.16
C ALA B 473 -23.59 -0.31 14.05
N VAL B 474 -23.26 0.80 14.68
CA VAL B 474 -24.15 1.31 15.72
C VAL B 474 -25.50 1.65 15.12
N ILE B 475 -25.52 2.20 13.91
CA ILE B 475 -26.80 2.57 13.33
C ILE B 475 -27.61 1.31 13.04
N SER B 476 -26.96 0.31 12.45
CA SER B 476 -27.67 -0.94 12.19
C SER B 476 -28.07 -1.63 13.48
N ASP B 477 -27.53 -1.21 14.61
CA ASP B 477 -27.97 -1.80 15.87
C ASP B 477 -29.35 -1.33 16.27
N GLN B 478 -29.77 -0.17 15.81
CA GLN B 478 -31.05 0.32 16.28
C GLN B 478 -31.97 0.73 15.14
N ALA B 479 -31.42 1.11 13.99
CA ALA B 479 -32.22 1.71 12.94
C ALA B 479 -33.10 0.66 12.27
N GLY B 480 -34.38 0.96 12.16
CA GLY B 480 -35.26 0.17 11.32
C GLY B 480 -35.26 0.60 9.87
N HIS B 481 -34.61 1.71 9.55
CA HIS B 481 -34.55 2.23 8.20
C HIS B 481 -33.52 3.34 8.15
N VAL B 482 -32.67 3.32 7.12
CA VAL B 482 -31.59 4.29 6.99
C VAL B 482 -31.70 4.97 5.63
N LEU B 483 -31.57 6.30 5.64
CA LEU B 483 -31.64 7.10 4.43
C LEU B 483 -30.28 7.70 4.13
N VAL B 484 -29.94 7.78 2.84
CA VAL B 484 -28.70 8.40 2.39
C VAL B 484 -28.99 9.29 1.19
N ASP B 485 -28.29 10.41 1.12
CA ASP B 485 -28.38 11.29 -0.04
C ASP B 485 -27.65 10.69 -1.22
N ASP B 486 -28.06 11.10 -2.42
CA ASP B 486 -27.45 10.63 -3.66
C ASP B 486 -26.33 11.53 -4.14
N THR B 487 -25.78 12.36 -3.25
CA THR B 487 -24.77 13.34 -3.64
C THR B 487 -23.44 12.66 -3.93
N LYS B 509 -6.06 21.81 -1.00
CA LYS B 509 -6.49 21.93 0.39
C LYS B 509 -7.95 21.54 0.55
N ILE B 510 -8.82 22.20 -0.21
CA ILE B 510 -10.24 21.88 -0.17
C ILE B 510 -10.48 20.45 -0.65
N ASP B 511 -9.86 20.08 -1.77
CA ASP B 511 -10.00 18.72 -2.28
C ASP B 511 -9.11 17.74 -1.51
N ARG B 512 -7.93 18.20 -1.07
CA ARG B 512 -7.07 17.33 -0.28
C ARG B 512 -7.73 16.95 1.04
N ARG B 513 -8.35 17.91 1.72
CA ARG B 513 -9.07 17.60 2.95
C ARG B 513 -10.21 16.62 2.68
N ARG B 514 -10.88 16.79 1.54
CA ARG B 514 -11.94 15.86 1.14
C ARG B 514 -11.35 14.51 0.74
N ASP B 515 -10.11 14.48 0.25
CA ASP B 515 -9.45 13.21 -0.03
C ASP B 515 -8.96 12.54 1.26
N HIS B 516 -8.77 13.31 2.33
CA HIS B 516 -8.42 12.72 3.61
C HIS B 516 -9.66 12.21 4.34
N ALA B 517 -10.65 13.06 4.58
CA ALA B 517 -11.85 12.60 5.26
C ALA B 517 -12.64 11.63 4.40
N ALA B 518 -12.92 12.02 3.15
CA ALA B 518 -13.57 11.17 2.15
C ALA B 518 -14.89 10.58 2.64
N PRO B 519 -15.95 11.36 2.75
CA PRO B 519 -17.23 10.80 3.21
C PRO B 519 -17.75 9.66 2.34
N GLY B 520 -17.21 9.51 1.12
CA GLY B 520 -17.60 8.39 0.30
C GLY B 520 -17.40 7.06 1.00
N GLY B 521 -16.31 6.95 1.77
CA GLY B 521 -16.12 5.76 2.58
C GLY B 521 -17.25 5.55 3.57
N LEU B 522 -17.70 6.62 4.23
CA LEU B 522 -18.79 6.48 5.18
C LEU B 522 -20.05 5.98 4.49
N ARG B 523 -20.36 6.55 3.33
CA ARG B 523 -21.54 6.07 2.61
C ARG B 523 -21.41 4.60 2.24
N ALA B 524 -20.25 4.21 1.72
CA ALA B 524 -20.08 2.82 1.29
C ALA B 524 -20.21 1.87 2.47
N SER B 525 -19.60 2.21 3.60
CA SER B 525 -19.67 1.34 4.78
C SER B 525 -21.08 1.26 5.33
N VAL B 526 -21.79 2.40 5.38
CA VAL B 526 -23.16 2.38 5.88
C VAL B 526 -24.04 1.51 5.01
N VAL B 527 -23.94 1.67 3.69
CA VAL B 527 -24.78 0.86 2.81
C VAL B 527 -24.43 -0.62 2.97
N ALA B 528 -23.13 -0.94 3.02
CA ALA B 528 -22.74 -2.34 3.13
C ALA B 528 -23.26 -2.97 4.41
N ALA B 529 -23.12 -2.25 5.53
CA ALA B 529 -23.58 -2.80 6.80
C ALA B 529 -25.09 -2.96 6.81
N MET B 530 -25.81 -2.00 6.23
CA MET B 530 -27.26 -2.12 6.19
C MET B 530 -27.71 -3.28 5.33
N THR B 531 -26.97 -3.56 4.25
CA THR B 531 -27.30 -4.74 3.44
C THR B 531 -27.03 -6.02 4.20
N ARG B 532 -25.87 -6.12 4.86
CA ARG B 532 -25.56 -7.35 5.59
C ARG B 532 -26.57 -7.58 6.71
N ASP B 533 -26.95 -6.53 7.42
CA ASP B 533 -27.85 -6.66 8.56
C ASP B 533 -29.32 -6.64 8.15
N GLY B 534 -29.61 -6.36 6.89
CA GLY B 534 -30.97 -6.39 6.40
C GLY B 534 -31.79 -5.14 6.63
N VAL B 535 -31.18 -4.07 7.13
CA VAL B 535 -31.92 -2.84 7.34
C VAL B 535 -32.23 -2.21 5.98
N PRO B 536 -33.43 -1.67 5.78
CA PRO B 536 -33.74 -1.02 4.49
C PRO B 536 -32.97 0.27 4.30
N VAL B 537 -32.43 0.43 3.10
CA VAL B 537 -31.68 1.62 2.72
C VAL B 537 -32.49 2.38 1.68
N THR B 538 -32.63 3.68 1.87
CA THR B 538 -33.38 4.51 0.94
C THR B 538 -32.52 5.67 0.48
N ILE B 539 -32.39 5.80 -0.84
CA ILE B 539 -31.66 6.91 -1.45
C ILE B 539 -32.64 8.05 -1.66
N VAL B 540 -32.50 9.12 -0.90
CA VAL B 540 -33.40 10.26 -0.99
C VAL B 540 -32.96 11.12 -2.17
N ALA B 541 -33.94 11.63 -2.92
CA ALA B 541 -33.65 12.59 -3.98
C ALA B 541 -33.29 13.92 -3.32
N ALA B 542 -32.00 14.24 -3.31
CA ALA B 542 -31.52 15.46 -2.64
C ALA B 542 -31.71 16.69 -3.51
N ALA B 543 -32.53 16.62 -4.54
CA ALA B 543 -32.71 17.74 -5.45
C ALA B 543 -33.42 18.88 -4.75
N ASP B 544 -32.86 20.08 -4.88
CA ASP B 544 -33.47 21.30 -4.35
C ASP B 544 -33.70 21.20 -2.84
N PHE B 545 -32.65 20.78 -2.13
CA PHE B 545 -32.69 20.65 -0.69
C PHE B 545 -31.85 21.70 0.03
N THR B 546 -30.59 21.89 -0.40
CA THR B 546 -29.72 22.87 0.23
C THR B 546 -30.27 24.29 0.13
N ARG B 547 -30.74 24.67 -1.05
CA ARG B 547 -31.37 25.97 -1.24
C ARG B 547 -32.69 26.05 -0.50
N THR B 548 -33.19 24.93 -0.01
CA THR B 548 -34.46 24.86 0.68
C THR B 548 -34.22 24.93 2.19
N HIS B 549 -34.98 25.80 2.85
CA HIS B 549 -34.95 25.87 4.31
C HIS B 549 -36.12 25.07 4.87
N SER B 550 -35.84 24.26 5.88
CA SER B 550 -36.88 23.43 6.47
C SER B 550 -37.96 24.27 7.14
N ARG B 551 -37.57 25.27 7.93
CA ARG B 551 -38.55 26.00 8.72
C ARG B 551 -39.40 26.92 7.86
N CYS B 552 -38.79 27.71 6.97
CA CYS B 552 -39.53 28.65 6.16
C CYS B 552 -40.00 28.07 4.84
N GLY B 553 -39.42 26.96 4.41
CA GLY B 553 -39.83 26.33 3.17
C GLY B 553 -39.60 27.19 1.94
N HIS B 554 -38.46 27.88 1.86
CA HIS B 554 -38.16 28.73 0.72
C HIS B 554 -36.85 28.29 0.07
N VAL B 555 -36.88 28.16 -1.24
CA VAL B 555 -35.68 27.87 -2.00
C VAL B 555 -34.90 29.15 -2.20
N ASN B 556 -33.60 29.04 -2.43
CA ASN B 556 -32.74 30.20 -2.56
C ASN B 556 -31.92 30.09 -3.83
N PRO B 557 -32.12 30.98 -4.81
CA PRO B 557 -31.51 30.77 -6.13
C PRO B 557 -30.00 30.98 -6.14
N ALA B 558 -29.48 31.90 -5.34
CA ALA B 558 -28.04 32.13 -5.34
C ALA B 558 -27.30 30.87 -4.92
N ASP B 559 -26.22 30.56 -5.65
CA ASP B 559 -25.47 29.33 -5.47
C ASP B 559 -24.10 29.58 -4.87
N ASP B 560 -23.88 30.78 -4.34
CA ASP B 560 -22.61 31.12 -3.73
C ASP B 560 -22.71 31.43 -2.25
N ARG B 561 -23.92 31.69 -1.73
CA ARG B 561 -24.08 31.97 -0.32
C ARG B 561 -23.79 30.76 0.56
N TYR B 562 -23.81 29.56 -0.01
CA TYR B 562 -23.69 28.35 0.80
C TYR B 562 -22.24 28.01 1.11
N LEU B 563 -21.29 28.70 0.48
CA LEU B 563 -19.88 28.41 0.72
C LEU B 563 -19.49 28.69 2.17
N SER B 564 -20.28 29.48 2.89
CA SER B 564 -20.06 29.75 4.30
C SER B 564 -21.20 29.16 5.11
N ASN B 565 -20.96 29.02 6.41
CA ASN B 565 -21.97 28.51 7.32
C ASN B 565 -22.06 29.39 8.55
N PRO B 566 -23.26 29.74 9.00
CA PRO B 566 -24.58 29.41 8.42
C PRO B 566 -24.92 30.34 7.25
N VAL B 567 -26.06 30.13 6.61
CA VAL B 567 -26.49 30.93 5.46
C VAL B 567 -27.82 31.58 5.79
N ARG B 568 -27.94 32.86 5.43
CA ARG B 568 -29.21 33.55 5.59
C ARG B 568 -30.25 32.98 4.63
N CYS B 569 -31.51 32.99 5.07
CA CYS B 569 -32.61 32.43 4.29
C CYS B 569 -33.36 33.55 3.59
N ASP B 570 -33.65 33.36 2.30
CA ASP B 570 -34.40 34.36 1.55
C ASP B 570 -35.84 34.47 2.02
N GLY B 571 -36.47 33.37 2.41
CA GLY B 571 -37.86 33.39 2.80
C GLY B 571 -38.10 33.76 4.25
N CYS B 572 -37.04 33.85 5.04
CA CYS B 572 -37.16 34.17 6.46
C CYS B 572 -36.20 35.24 6.94
N GLY B 573 -35.09 35.47 6.24
CA GLY B 573 -34.15 36.48 6.68
C GLY B 573 -33.36 36.15 7.92
N ALA B 574 -33.23 34.88 8.26
CA ALA B 574 -32.48 34.45 9.43
C ALA B 574 -31.51 33.34 9.04
N MET B 575 -30.31 33.39 9.62
CA MET B 575 -29.31 32.38 9.33
C MET B 575 -29.70 31.03 9.92
N TYR B 576 -29.44 29.97 9.17
CA TYR B 576 -29.81 28.63 9.58
C TYR B 576 -28.72 27.65 9.20
N ASP B 577 -28.70 26.50 9.88
CA ASP B 577 -27.81 25.43 9.49
C ASP B 577 -28.34 24.74 8.25
N GLN B 578 -27.54 24.78 7.18
CA GLN B 578 -27.94 24.12 5.94
C GLN B 578 -28.00 22.60 6.11
N ASP B 579 -27.06 22.02 6.83
CA ASP B 579 -27.07 20.57 7.04
C ASP B 579 -28.25 20.13 7.91
N ARG B 580 -28.58 20.91 8.93
CA ARG B 580 -29.72 20.57 9.77
C ARG B 580 -31.02 20.63 8.98
N SER B 581 -31.17 21.64 8.13
CA SER B 581 -32.33 21.69 7.25
C SER B 581 -32.32 20.51 6.29
N PHE B 582 -31.14 20.10 5.83
CA PHE B 582 -31.03 18.96 4.93
C PHE B 582 -31.56 17.69 5.60
N VAL B 583 -31.12 17.42 6.82
CA VAL B 583 -31.57 16.19 7.48
C VAL B 583 -33.05 16.31 7.84
N THR B 584 -33.50 17.49 8.24
CA THR B 584 -34.91 17.67 8.54
C THR B 584 -35.78 17.39 7.32
N LEU B 585 -35.36 17.89 6.15
CA LEU B 585 -36.09 17.63 4.93
C LEU B 585 -36.04 16.16 4.55
N MET B 586 -34.90 15.51 4.75
CA MET B 586 -34.82 14.09 4.42
C MET B 586 -35.78 13.28 5.27
N LEU B 587 -35.85 13.60 6.57
CA LEU B 587 -36.81 12.91 7.43
C LEU B 587 -38.24 13.21 7.02
N ARG B 588 -38.54 14.47 6.70
CA ARG B 588 -39.90 14.81 6.30
C ARG B 588 -40.31 14.08 5.04
N ALA B 589 -39.44 14.04 4.04
CA ALA B 589 -39.74 13.31 2.81
C ALA B 589 -39.90 11.82 3.10
N ALA B 590 -39.06 11.29 3.98
CA ALA B 590 -39.23 9.90 4.40
C ALA B 590 -40.55 9.70 5.13
N THR B 591 -40.90 10.62 6.01
CA THR B 591 -42.12 10.50 6.81
C THR B 591 -43.27 11.13 6.03
N ALA B 592 -43.72 10.41 5.02
CA ALA B 592 -44.81 10.86 4.17
C ALA B 592 -45.97 9.87 4.18
N PRO C 18 27.43 -31.00 2.00
CA PRO C 18 28.30 -31.85 2.81
C PRO C 18 28.52 -31.29 4.21
N GLU C 19 28.77 -32.17 5.19
CA GLU C 19 29.03 -31.72 6.54
C GLU C 19 30.27 -30.83 6.61
N VAL C 20 31.23 -31.05 5.72
CA VAL C 20 32.39 -30.17 5.64
C VAL C 20 31.96 -28.75 5.30
N LEU C 21 31.05 -28.61 4.33
CA LEU C 21 30.52 -27.30 3.99
C LEU C 21 29.82 -26.67 5.18
N ARG C 22 29.00 -27.45 5.89
CA ARG C 22 28.28 -26.92 7.04
C ARG C 22 29.23 -26.48 8.14
N GLN C 23 30.25 -27.29 8.42
CA GLN C 23 31.19 -26.97 9.48
C GLN C 23 31.98 -25.71 9.16
N GLN C 24 32.39 -25.55 7.90
CA GLN C 24 33.12 -24.36 7.50
C GLN C 24 32.29 -23.10 7.72
N LEU C 25 31.01 -23.15 7.32
CA LEU C 25 30.13 -22.01 7.57
C LEU C 25 29.95 -21.79 9.06
N TRP C 26 29.83 -22.87 9.82
CA TRP C 26 29.75 -22.76 11.27
C TRP C 26 31.00 -22.10 11.84
N LEU C 27 32.17 -22.51 11.34
CA LEU C 27 33.40 -21.83 11.71
C LEU C 27 33.39 -20.38 11.24
N ALA C 28 32.84 -20.15 10.04
CA ALA C 28 32.75 -18.79 9.51
C ALA C 28 31.85 -17.92 10.40
N HIS C 29 30.70 -18.47 10.79
CA HIS C 29 29.83 -17.74 11.71
C HIS C 29 30.52 -17.52 13.05
N ASN C 30 31.26 -18.53 13.52
CA ASN C 30 31.97 -18.40 14.79
C ASN C 30 33.02 -17.29 14.73
N LEU C 31 33.77 -17.23 13.63
CA LEU C 31 34.84 -16.25 13.54
C LEU C 31 34.31 -14.83 13.60
N ARG C 32 33.19 -14.57 12.93
CA ARG C 32 32.62 -13.22 12.92
C ARG C 32 32.20 -12.81 14.33
N GLU C 33 31.61 -13.74 15.09
CA GLU C 33 31.23 -13.42 16.46
C GLU C 33 32.45 -13.08 17.30
N ASP C 34 33.53 -13.85 17.15
CA ASP C 34 34.76 -13.54 17.88
C ASP C 34 35.29 -12.18 17.49
N LEU C 35 35.31 -11.88 16.19
CA LEU C 35 35.76 -10.57 15.73
C LEU C 35 34.85 -9.47 16.26
N VAL C 36 33.54 -9.71 16.23
CA VAL C 36 32.60 -8.74 16.81
C VAL C 36 32.84 -8.62 18.30
N SER C 37 33.06 -9.76 18.98
CA SER C 37 33.34 -9.72 20.41
C SER C 37 34.61 -8.94 20.69
N LEU C 38 35.66 -9.18 19.90
CA LEU C 38 36.91 -8.46 20.11
C LEU C 38 36.72 -6.97 19.86
N GLN C 39 35.96 -6.61 18.83
CA GLN C 39 35.79 -5.21 18.46
C GLN C 39 35.16 -4.41 19.60
N LEU C 40 34.06 -4.91 20.16
CA LEU C 40 33.37 -4.16 21.21
C LEU C 40 34.27 -3.96 22.42
N ALA C 41 34.99 -5.01 22.83
CA ALA C 41 35.96 -4.85 23.91
C ALA C 41 37.02 -3.83 23.54
N TYR C 42 37.53 -3.91 22.31
CA TYR C 42 38.41 -2.86 21.81
C TYR C 42 37.68 -1.53 21.77
N ASP C 43 36.41 -1.54 21.35
CA ASP C 43 35.60 -0.33 21.40
C ASP C 43 35.43 0.15 22.84
N ASP C 44 35.16 -0.77 23.76
CA ASP C 44 35.05 -0.38 25.16
C ASP C 44 36.39 0.11 25.70
N ASP C 45 37.49 -0.53 25.29
CA ASP C 45 38.80 -0.11 25.76
C ASP C 45 39.10 1.33 25.35
N LEU C 46 38.76 1.69 24.11
CA LEU C 46 38.92 3.08 23.69
C LEU C 46 38.07 4.00 24.54
N LYS C 47 36.84 3.59 24.86
CA LYS C 47 35.98 4.39 25.71
C LYS C 47 36.61 4.54 27.09
N ALA C 48 37.17 3.46 27.64
CA ALA C 48 37.88 3.55 28.91
C ALA C 48 39.10 4.44 28.79
N ILE C 49 39.82 4.35 27.67
CA ILE C 49 40.98 5.21 27.44
C ILE C 49 40.56 6.67 27.45
N TRP C 50 39.47 6.99 26.74
CA TRP C 50 39.00 8.37 26.70
C TRP C 50 38.52 8.83 28.07
N SER C 51 37.81 7.97 28.81
CA SER C 51 37.26 8.34 30.10
C SER C 51 38.32 8.60 31.15
N SER C 52 39.58 8.27 30.87
CA SER C 52 40.64 8.47 31.85
C SER C 52 40.81 9.96 32.20
N TYR C 53 40.71 10.83 31.21
CA TYR C 53 40.90 12.25 31.45
C TYR C 53 39.77 12.79 32.34
N PRO C 54 40.09 13.58 33.35
CA PRO C 54 39.03 14.12 34.22
C PRO C 54 38.03 14.99 33.47
N ASP C 55 38.47 15.71 32.44
CA ASP C 55 37.55 16.51 31.64
C ASP C 55 36.56 15.62 30.90
N VAL C 56 37.03 14.48 30.37
CA VAL C 56 36.15 13.56 29.67
C VAL C 56 35.11 12.98 30.61
N ALA C 57 35.53 12.57 31.81
CA ALA C 57 34.61 11.98 32.77
C ALA C 57 33.54 12.97 33.21
N GLN C 58 33.92 14.23 33.43
CA GLN C 58 32.94 15.24 33.83
C GLN C 58 31.90 15.45 32.75
N ALA C 59 32.32 15.50 31.49
CA ALA C 59 31.38 15.66 30.39
C ALA C 59 30.44 14.47 30.30
N GLU C 60 30.96 13.25 30.47
CA GLU C 60 30.12 12.07 30.41
C GLU C 60 29.06 12.10 31.51
N ASP C 61 29.45 12.50 32.71
CA ASP C 61 28.46 12.71 33.77
C ASP C 61 27.49 13.81 33.40
N THR C 62 27.99 14.91 32.84
CA THR C 62 27.11 15.98 32.38
C THR C 62 26.21 15.49 31.25
N MET C 63 26.76 14.67 30.35
CA MET C 63 25.93 14.06 29.31
C MET C 63 24.88 13.16 29.91
N ALA C 64 25.25 12.38 30.92
CA ALA C 64 24.32 11.45 31.56
C ALA C 64 23.25 12.21 32.34
N GLN C 95 8.19 23.13 23.39
CA GLN C 95 9.42 23.91 23.53
C GLN C 95 10.38 23.28 24.52
N GLN C 96 9.82 22.64 25.56
CA GLN C 96 10.66 22.04 26.58
C GLN C 96 11.50 20.91 26.01
N LEU C 97 11.03 20.28 24.94
CA LEU C 97 11.82 19.24 24.29
C LEU C 97 13.13 19.81 23.75
N ARG C 98 13.06 20.97 23.08
CA ARG C 98 14.21 21.51 22.39
C ARG C 98 15.34 21.84 23.36
N ASP C 99 14.99 22.38 24.54
CA ASP C 99 16.00 22.76 25.51
C ASP C 99 16.85 21.57 25.93
N ALA C 100 16.19 20.45 26.24
CA ALA C 100 16.92 19.25 26.63
C ALA C 100 17.76 18.73 25.47
N LYS C 101 17.19 18.71 24.26
CA LYS C 101 17.89 18.24 23.08
C LYS C 101 19.12 19.10 22.82
N LYS C 102 18.97 20.41 22.93
CA LYS C 102 20.11 21.31 22.74
C LYS C 102 21.19 21.03 23.76
N ARG C 103 20.82 20.89 25.04
CA ARG C 103 21.81 20.63 26.06
C ARG C 103 22.43 19.26 25.90
N LEU C 104 21.63 18.27 25.50
CA LEU C 104 22.16 16.92 25.29
C LEU C 104 23.22 16.89 24.20
N LYS C 105 22.94 17.53 23.06
CA LYS C 105 23.94 17.55 22.00
C LYS C 105 25.14 18.41 22.38
N ASP C 106 24.90 19.53 23.07
CA ASP C 106 26.01 20.33 23.58
C ASP C 106 26.89 19.51 24.51
N ALA C 107 26.27 18.73 25.39
CA ALA C 107 27.03 17.77 26.19
C ALA C 107 27.66 16.71 25.30
N ARG C 108 26.93 16.22 24.32
CA ARG C 108 27.51 15.28 23.37
C ARG C 108 28.65 15.92 22.59
N GLN C 109 28.46 17.16 22.14
CA GLN C 109 29.53 17.85 21.43
C GLN C 109 30.72 18.10 22.34
N ALA C 110 30.48 18.49 23.58
CA ALA C 110 31.57 18.76 24.51
C ALA C 110 32.41 17.50 24.74
N ARG C 111 31.76 16.35 24.86
CA ARG C 111 32.49 15.09 25.00
C ARG C 111 33.34 14.82 23.75
N ARG C 112 32.78 15.09 22.57
CA ARG C 112 33.58 14.99 21.35
C ARG C 112 34.65 16.07 21.31
N ASP C 113 34.33 17.27 21.82
CA ASP C 113 35.33 18.33 21.89
C ASP C 113 36.48 17.95 22.81
N ALA C 114 36.18 17.36 23.96
CA ALA C 114 37.23 16.93 24.87
C ALA C 114 38.06 15.81 24.26
N ILE C 115 37.44 14.98 23.42
CA ILE C 115 38.18 13.93 22.73
C ILE C 115 39.23 14.53 21.80
N ALA C 116 38.86 15.58 21.06
CA ALA C 116 39.77 16.13 20.06
C ALA C 116 40.99 16.78 20.70
N VAL C 117 40.79 17.54 21.78
CA VAL C 117 41.88 18.31 22.34
C VAL C 117 42.96 17.39 22.91
N VAL C 118 42.56 16.32 23.58
CA VAL C 118 43.51 15.39 24.18
C VAL C 118 43.74 14.17 23.28
N LYS C 119 43.42 14.28 21.99
CA LYS C 119 43.65 13.17 21.07
C LYS C 119 45.14 12.85 20.95
N ASP C 120 45.98 13.88 20.87
CA ASP C 120 47.42 13.68 20.74
C ASP C 120 48.03 13.03 21.96
N ASP C 121 47.60 13.42 23.16
CA ASP C 121 48.19 12.92 24.40
C ASP C 121 47.82 11.47 24.68
N ALA C 122 46.81 10.94 24.02
CA ALA C 122 46.38 9.55 24.21
C ALA C 122 46.72 8.67 23.03
N ALA C 123 47.48 9.18 22.05
CA ALA C 123 47.73 8.42 20.83
C ALA C 123 48.48 7.13 21.13
N GLU C 124 49.47 7.19 22.00
CA GLU C 124 50.23 5.99 22.34
C GLU C 124 49.34 4.94 23.00
N ARG C 125 48.50 5.37 23.94
CA ARG C 125 47.61 4.43 24.63
C ARG C 125 46.63 3.80 23.66
N ARG C 126 46.06 4.59 22.75
CA ARG C 126 45.14 4.04 21.77
C ARG C 126 45.85 3.07 20.84
N LYS C 127 47.09 3.40 20.44
CA LYS C 127 47.85 2.50 19.58
C LYS C 127 48.14 1.18 20.26
N ALA C 128 48.50 1.23 21.55
CA ALA C 128 48.85 0.01 22.27
C ALA C 128 47.69 -0.97 22.30
N ARG C 129 46.49 -0.49 22.59
CA ARG C 129 45.32 -1.35 22.52
C ARG C 129 45.04 -1.75 21.08
N SER C 130 45.29 -0.84 20.13
CA SER C 130 45.15 -1.18 18.72
C SER C 130 46.11 -2.30 18.34
N ASP C 131 47.35 -2.21 18.82
CA ASP C 131 48.30 -3.30 18.60
C ASP C 131 47.85 -4.57 19.32
N GLN C 132 47.25 -4.40 20.51
CA GLN C 132 46.71 -5.55 21.22
C GLN C 132 45.61 -6.23 20.43
N LEU C 133 44.72 -5.44 19.81
CA LEU C 133 43.63 -6.02 19.02
C LEU C 133 44.18 -6.80 17.83
N ALA C 134 45.20 -6.27 17.15
CA ALA C 134 45.77 -6.97 16.01
C ALA C 134 46.38 -8.30 16.43
N ALA C 135 47.10 -8.31 17.56
CA ALA C 135 47.70 -9.55 18.03
C ALA C 135 46.63 -10.59 18.36
N ASP C 136 45.56 -10.17 19.03
CA ASP C 136 44.46 -11.09 19.32
C ASP C 136 43.81 -11.56 18.03
N GLN C 137 43.62 -10.64 17.08
CA GLN C 137 43.10 -11.03 15.77
C GLN C 137 44.05 -11.98 15.07
N LYS C 138 45.35 -11.77 15.23
CA LYS C 138 46.32 -12.74 14.70
C LYS C 138 46.20 -14.08 15.40
N ALA C 139 45.92 -14.07 16.71
CA ALA C 139 45.77 -15.33 17.43
C ALA C 139 44.59 -16.15 16.92
N LEU C 140 43.51 -15.48 16.52
CA LEU C 140 42.36 -16.21 16.00
C LEU C 140 42.70 -16.94 14.72
N TYR C 141 43.63 -16.41 13.93
CA TYR C 141 44.08 -17.11 12.73
C TYR C 141 44.69 -18.46 13.07
N GLY C 142 45.52 -18.52 14.11
CA GLY C 142 46.11 -19.79 14.50
C GLY C 142 45.06 -20.78 14.96
N GLN C 143 44.10 -20.33 15.77
CA GLN C 143 43.08 -21.22 16.30
C GLN C 143 42.09 -21.65 15.22
N TYR C 144 41.71 -20.73 14.34
CA TYR C 144 40.74 -21.05 13.30
C TYR C 144 41.35 -21.72 12.09
N CYS C 145 42.57 -21.35 11.70
CA CYS C 145 43.18 -21.85 10.47
C CYS C 145 44.36 -22.77 10.74
N ARG C 146 45.35 -22.32 11.50
CA ARG C 146 46.51 -23.17 11.77
C ARG C 146 46.12 -24.40 12.57
N ASP C 147 45.24 -24.23 13.55
CA ASP C 147 44.77 -25.33 14.38
C ASP C 147 43.33 -25.71 14.10
N GLY C 148 42.74 -25.15 13.05
CA GLY C 148 41.39 -25.49 12.65
C GLY C 148 41.32 -25.95 11.20
N ASP C 149 40.14 -26.42 10.83
CA ASP C 149 39.88 -26.91 9.48
C ASP C 149 39.29 -25.83 8.57
N LEU C 150 39.09 -24.61 9.08
CA LEU C 150 38.53 -23.53 8.29
C LEU C 150 39.49 -23.14 7.17
N TYR C 151 38.95 -22.90 6.00
CA TYR C 151 39.78 -22.47 4.88
C TYR C 151 40.27 -21.04 5.09
N TRP C 152 41.53 -20.81 4.75
CA TRP C 152 42.14 -19.50 4.98
C TRP C 152 41.52 -18.43 4.10
N ALA C 153 41.04 -18.81 2.91
CA ALA C 153 40.36 -17.84 2.06
C ALA C 153 39.08 -17.35 2.73
N SER C 154 38.36 -18.25 3.41
CA SER C 154 37.16 -17.85 4.12
C SER C 154 37.47 -16.86 5.23
N PHE C 155 38.54 -17.12 5.99
CA PHE C 155 38.93 -16.20 7.06
C PHE C 155 39.32 -14.84 6.48
N ASN C 156 40.10 -14.84 5.40
CA ASN C 156 40.53 -13.60 4.80
C ASN C 156 39.34 -12.78 4.34
N THR C 157 38.36 -13.44 3.71
CA THR C 157 37.19 -12.73 3.20
C THR C 157 36.41 -12.06 4.32
N VAL C 158 36.14 -12.80 5.39
CA VAL C 158 35.35 -12.25 6.49
C VAL C 158 36.13 -11.15 7.19
N LEU C 159 37.45 -11.33 7.34
CA LEU C 159 38.27 -10.29 7.95
C LEU C 159 38.16 -8.99 7.19
N ASP C 160 38.16 -9.06 5.86
CA ASP C 160 37.96 -7.86 5.07
C ASP C 160 36.58 -7.26 5.32
N HIS C 161 35.55 -8.10 5.41
CA HIS C 161 34.20 -7.60 5.58
C HIS C 161 34.05 -6.86 6.90
N HIS C 162 34.56 -7.45 7.99
CA HIS C 162 34.52 -6.77 9.28
C HIS C 162 35.32 -5.48 9.24
N LYS C 163 36.53 -5.53 8.71
CA LYS C 163 37.36 -4.33 8.61
C LYS C 163 36.69 -3.29 7.72
N THR C 164 36.05 -3.74 6.64
CA THR C 164 35.26 -2.81 5.83
C THR C 164 34.10 -2.27 6.65
N ALA C 165 33.44 -3.13 7.44
CA ALA C 165 32.29 -2.69 8.21
C ALA C 165 32.68 -1.63 9.23
N VAL C 166 33.79 -1.83 9.95
CA VAL C 166 34.16 -0.89 10.98
C VAL C 166 34.54 0.46 10.39
N LYS C 167 35.15 0.46 9.21
CA LYS C 167 35.49 1.73 8.56
C LYS C 167 34.24 2.52 8.26
N ARG C 168 33.21 1.86 7.73
CA ARG C 168 31.93 2.53 7.53
C ARG C 168 31.35 2.99 8.87
N ILE C 169 31.39 2.11 9.87
CA ILE C 169 30.76 2.41 11.16
C ILE C 169 31.48 3.56 11.85
N ALA C 170 32.81 3.54 11.83
CA ALA C 170 33.59 4.51 12.61
C ALA C 170 33.31 5.94 12.15
N ALA C 171 33.27 6.17 10.84
CA ALA C 171 32.93 7.49 10.34
C ALA C 171 31.45 7.80 10.54
N GLN C 172 30.61 6.76 10.47
CA GLN C 172 29.16 6.97 10.59
C GLN C 172 28.80 7.56 11.95
N ARG C 173 29.40 7.04 13.03
CA ARG C 173 29.14 7.57 14.36
C ARG C 173 29.77 8.95 14.56
N ALA C 174 30.68 9.35 13.66
CA ALA C 174 31.42 10.59 13.89
C ALA C 174 30.54 11.82 13.79
N SER C 175 29.74 11.93 12.71
CA SER C 175 28.99 13.15 12.50
C SER C 175 27.76 13.22 13.41
N GLY C 176 27.28 12.08 13.88
CA GLY C 176 26.11 12.06 14.72
C GLY C 176 25.08 11.04 14.29
N LYS C 177 25.51 10.05 13.50
CA LYS C 177 24.62 9.07 12.91
C LYS C 177 24.97 7.66 13.38
N PRO C 178 24.41 7.22 14.50
CA PRO C 178 24.96 6.04 15.20
C PRO C 178 24.36 4.72 14.74
N ALA C 179 25.19 3.70 14.76
CA ALA C 179 24.85 2.33 14.37
C ALA C 179 26.05 1.47 14.71
N THR C 180 25.89 0.15 14.79
CA THR C 180 27.00 -0.67 15.23
C THR C 180 26.78 -2.12 14.84
N LEU C 181 27.84 -2.91 15.02
CA LEU C 181 27.77 -4.36 14.83
C LEU C 181 27.07 -5.02 16.00
N ARG C 182 26.26 -6.03 15.71
CA ARG C 182 25.65 -6.85 16.75
C ARG C 182 25.73 -8.31 16.34
N HIS C 183 25.53 -9.18 17.33
CA HIS C 183 25.69 -10.61 17.14
C HIS C 183 24.58 -11.13 16.23
N HIS C 184 24.97 -11.80 15.16
CA HIS C 184 24.00 -12.40 14.25
C HIS C 184 23.91 -13.90 14.50
N ARG C 185 22.69 -14.38 14.64
CA ARG C 185 22.42 -15.74 15.12
C ARG C 185 22.66 -16.70 13.96
N PHE C 186 23.31 -17.82 14.25
CA PHE C 186 23.56 -18.83 13.22
C PHE C 186 22.25 -19.38 12.70
N ASP C 187 22.19 -19.58 11.38
CA ASP C 187 20.98 -20.06 10.74
C ASP C 187 21.20 -21.23 9.78
N GLY C 188 22.45 -21.57 9.46
CA GLY C 188 22.71 -22.70 8.59
C GLY C 188 23.44 -22.32 7.31
N ARG C 251 37.61 -26.79 -3.62
CA ARG C 251 38.12 -26.84 -2.26
C ARG C 251 37.06 -26.45 -1.24
N CYS C 252 37.03 -27.16 -0.13
CA CYS C 252 36.09 -26.91 0.96
C CYS C 252 36.82 -26.92 2.30
N GLY C 253 38.00 -26.30 2.34
CA GLY C 253 38.77 -26.28 3.56
C GLY C 253 39.41 -27.62 3.88
N SER C 254 39.74 -27.78 5.16
CA SER C 254 40.40 -28.96 5.66
C SER C 254 39.44 -29.80 6.49
N THR C 255 39.94 -30.95 6.95
CA THR C 255 39.19 -31.84 7.82
C THR C 255 40.20 -32.65 8.63
N ASP C 256 40.42 -32.26 9.88
CA ASP C 256 41.45 -32.86 10.72
C ASP C 256 42.81 -32.83 10.01
N GLY C 257 43.08 -31.73 9.33
CA GLY C 257 44.29 -31.60 8.56
C GLY C 257 44.24 -32.23 7.18
N GLN C 258 43.11 -32.83 6.79
CA GLN C 258 42.97 -33.41 5.47
C GLN C 258 42.16 -32.48 4.58
N PRO C 259 42.77 -31.88 3.57
CA PRO C 259 42.00 -31.04 2.65
C PRO C 259 40.92 -31.83 1.94
N GLN C 260 39.77 -31.19 1.74
CA GLN C 260 38.63 -31.81 1.10
C GLN C 260 38.12 -30.91 -0.02
N TRP C 261 37.45 -31.52 -0.99
CA TRP C 261 36.96 -30.79 -2.16
C TRP C 261 35.49 -31.09 -2.41
MG MG D . -1.44 -7.24 14.29
ZN ZN E . -36.23 30.39 6.31
#